data_6N35
#
_entry.id   6N35
#
_cell.length_a   81.725
_cell.length_b   94.034
_cell.length_c   169.187
_cell.angle_alpha   90.00
_cell.angle_beta   90.00
_cell.angle_gamma   90.00
#
_symmetry.space_group_name_H-M   'P 21 21 21'
#
loop_
_entity.id
_entity.type
_entity.pdbx_description
1 polymer 'Fab 2G12 light chain'
2 polymer 'Fab 2G12 heavy chain'
3 branched alpha-D-mannopyranose-(1-2)-alpha-D-mannopyranose
4 non-polymer 'BENZOIC ACID'
5 non-polymer GLYCEROL
6 non-polymer alpha-D-mannopyranose
7 water water
#
loop_
_entity_poly.entity_id
_entity_poly.type
_entity_poly.pdbx_seq_one_letter_code
_entity_poly.pdbx_strand_id
1 'polypeptide(L)'
;DVVMTQSPSTLSASVGDTITITCRASQSIETWLAWYQQKPGKAPKLLIYKASTLKTGVPSRFSGSGSGTEFTLTISGLQF
DDFATYHCQHYAGYSATFGQGTRVEIKRTVAAPSVFIFPPSDEQLKSGTASVVCLLNNFYPREAKVQWKVDNALQSGNSQ
ESVTEQDSKDSTYSLSSTLTLSKADYEKHKVYACEVTHQGLSSPVTKSFNRGE
;
L,K
2 'polypeptide(L)'
;EVQLVESGGGLVKAGGSLILSCGVSNFRISAHTMNWVRRVPGGGLEWVASISTSSTYRDYADAVKGRFTVSRDDLEDFVY
LQMHKMRVEDTAIYYCARKGSDRLSDNDPFDAWGPGTVVTVSPASTKGPSVFPLAPSSKSTSGGTAALGCLVKDYFPEPV
TVSWNSGALTSGVHTFPAVLQSSGLYSLSSVVTVPSSSLGTQTYICNVNHKPSNTKVDKKVEPK
;
H,M
#
# COMPACT_ATOMS: atom_id res chain seq x y z
N VAL A 2 13.71 -23.95 -21.98
CA VAL A 2 13.52 -23.30 -23.28
C VAL A 2 13.65 -21.79 -23.17
N VAL A 3 14.47 -21.17 -24.02
CA VAL A 3 14.57 -19.72 -24.10
C VAL A 3 14.12 -19.30 -25.49
N MET A 4 13.26 -18.29 -25.56
CA MET A 4 12.78 -17.78 -26.84
C MET A 4 13.45 -16.43 -27.11
N THR A 5 13.96 -16.26 -28.33
CA THR A 5 14.63 -15.02 -28.70
C THR A 5 13.92 -14.45 -29.92
N GLN A 6 13.35 -13.24 -29.78
CA GLN A 6 12.71 -12.53 -30.88
C GLN A 6 13.67 -11.52 -31.48
N SER A 7 13.49 -11.29 -32.78
CA SER A 7 14.24 -10.24 -33.46
C SER A 7 13.36 -9.70 -34.58
N PRO A 8 13.48 -8.40 -34.88
CA PRO A 8 14.32 -7.50 -34.11
C PRO A 8 13.59 -7.04 -32.84
N SER A 9 14.26 -6.28 -31.98
CA SER A 9 13.58 -5.71 -30.82
C SER A 9 12.67 -4.56 -31.23
N THR A 10 13.11 -3.75 -32.19
CA THR A 10 12.29 -2.67 -32.73
C THR A 10 12.31 -2.80 -34.24
N LEU A 11 11.13 -2.75 -34.84
CA LEU A 11 10.98 -2.83 -36.29
C LEU A 11 10.31 -1.55 -36.76
N SER A 12 10.99 -0.79 -37.62
CA SER A 12 10.46 0.46 -38.15
C SER A 12 10.06 0.23 -39.61
N ALA A 13 8.84 0.61 -39.96
CA ALA A 13 8.34 0.31 -41.31
C ALA A 13 7.31 1.36 -41.74
N SER A 14 6.94 1.33 -43.00
CA SER A 14 5.91 2.23 -43.50
C SER A 14 4.57 1.55 -43.59
N VAL A 15 3.53 2.36 -43.53
CA VAL A 15 2.20 1.84 -43.78
C VAL A 15 2.16 1.12 -45.12
N GLY A 16 1.50 -0.03 -45.14
CA GLY A 16 1.40 -0.84 -46.34
C GLY A 16 2.51 -1.85 -46.52
N ASP A 17 3.56 -1.79 -45.72
CA ASP A 17 4.68 -2.71 -45.91
C ASP A 17 4.28 -4.13 -45.52
N THR A 18 5.02 -5.08 -46.08
CA THR A 18 5.04 -6.46 -45.61
C THR A 18 6.27 -6.66 -44.74
N ILE A 19 6.05 -7.07 -43.47
CA ILE A 19 7.16 -7.19 -42.53
C ILE A 19 7.13 -8.58 -41.91
N THR A 20 8.27 -9.00 -41.43
CA THR A 20 8.40 -10.28 -40.74
C THR A 20 9.09 -10.08 -39.40
N ILE A 21 8.59 -10.80 -38.40
CA ILE A 21 9.19 -10.88 -37.08
C ILE A 21 9.60 -12.32 -36.83
N THR A 22 10.82 -12.53 -36.33
CA THR A 22 11.34 -13.88 -36.12
C THR A 22 11.44 -14.23 -34.63
N CYS A 23 11.21 -15.50 -34.34
CA CYS A 23 11.34 -15.99 -32.98
C CYS A 23 12.14 -17.29 -33.06
N ARG A 24 13.20 -17.40 -32.26
CA ARG A 24 14.06 -18.57 -32.23
C ARG A 24 14.03 -19.20 -30.84
N ALA A 25 13.83 -20.51 -30.82
CA ALA A 25 13.80 -21.30 -29.59
C ALA A 25 15.15 -22.00 -29.39
N SER A 26 15.60 -22.05 -28.13
CA SER A 26 16.88 -22.65 -27.80
C SER A 26 16.89 -24.16 -27.99
N GLN A 27 15.72 -24.78 -28.12
CA GLN A 27 15.61 -26.20 -28.43
C GLN A 27 14.29 -26.37 -29.16
N SER A 28 14.12 -27.53 -29.78
CA SER A 28 12.93 -27.77 -30.59
C SER A 28 11.66 -27.74 -29.75
N ILE A 29 10.64 -27.04 -30.26
CA ILE A 29 9.35 -26.95 -29.60
C ILE A 29 8.24 -27.37 -30.56
N GLU A 30 8.61 -28.12 -31.61
CA GLU A 30 7.64 -28.55 -32.62
C GLU A 30 6.89 -27.35 -33.17
N THR A 31 5.55 -27.32 -33.09
CA THR A 31 4.82 -26.12 -33.50
C THR A 31 4.06 -25.48 -32.35
N TRP A 32 4.55 -25.67 -31.11
CA TRP A 32 3.90 -25.13 -29.90
C TRP A 32 4.29 -23.67 -29.68
N LEU A 33 3.84 -22.81 -30.60
CA LEU A 33 4.22 -21.42 -30.60
C LEU A 33 3.01 -20.56 -30.93
N ALA A 34 2.83 -19.47 -30.18
CA ALA A 34 1.73 -18.55 -30.39
C ALA A 34 2.30 -17.14 -30.53
N TRP A 35 1.52 -16.28 -31.15
CA TRP A 35 1.88 -14.89 -31.37
C TRP A 35 0.78 -14.02 -30.79
N TYR A 36 1.16 -12.99 -30.03
CA TYR A 36 0.22 -12.03 -29.48
C TYR A 36 0.54 -10.61 -29.94
N GLN A 37 -0.50 -9.80 -30.09
CA GLN A 37 -0.38 -8.35 -30.24
C GLN A 37 -0.73 -7.66 -28.92
N GLN A 38 -0.04 -6.56 -28.63
CA GLN A 38 -0.37 -5.82 -27.41
C GLN A 38 -0.15 -4.33 -27.66
N LYS A 39 -1.17 -3.53 -27.41
CA LYS A 39 -1.07 -2.08 -27.45
C LYS A 39 -0.73 -1.53 -26.08
N PRO A 40 -0.08 -0.35 -25.99
CA PRO A 40 0.33 0.14 -24.66
C PRO A 40 -0.86 0.29 -23.72
N GLY A 41 -0.70 -0.25 -22.50
CA GLY A 41 -1.72 -0.19 -21.47
C GLY A 41 -2.90 -1.12 -21.66
N LYS A 42 -2.87 -1.99 -22.66
CA LYS A 42 -3.96 -2.89 -22.98
C LYS A 42 -3.54 -4.34 -22.71
N ALA A 43 -4.49 -5.26 -22.85
CA ALA A 43 -4.15 -6.66 -22.66
C ALA A 43 -3.60 -7.23 -23.97
N PRO A 44 -2.73 -8.23 -23.88
CA PRO A 44 -2.34 -9.00 -25.06
C PRO A 44 -3.56 -9.62 -25.73
N LYS A 45 -3.49 -9.74 -27.06
CA LYS A 45 -4.55 -10.36 -27.85
C LYS A 45 -3.93 -11.48 -28.66
N LEU A 46 -4.51 -12.67 -28.57
CA LEU A 46 -3.99 -13.82 -29.31
C LEU A 46 -4.24 -13.63 -30.81
N LEU A 47 -3.18 -13.77 -31.60
CA LEU A 47 -3.28 -13.69 -33.07
C LEU A 47 -3.24 -15.06 -33.72
N ILE A 48 -2.21 -15.83 -33.42
CA ILE A 48 -1.92 -17.10 -34.07
C ILE A 48 -1.44 -18.08 -33.03
N TYR A 49 -1.76 -19.36 -33.22
CA TYR A 49 -1.25 -20.40 -32.36
C TYR A 49 -0.95 -21.65 -33.18
N LYS A 50 -0.34 -22.63 -32.52
CA LYS A 50 0.28 -23.78 -33.17
C LYS A 50 1.07 -23.35 -34.40
N ALA A 51 1.83 -22.27 -34.23
CA ALA A 51 2.75 -21.73 -35.23
C ALA A 51 2.02 -21.04 -36.39
N SER A 52 0.94 -21.60 -36.90
CA SER A 52 0.37 -21.03 -38.12
C SER A 52 -1.15 -20.93 -38.15
N THR A 53 -1.85 -21.33 -37.09
CA THR A 53 -3.30 -21.27 -37.11
C THR A 53 -3.77 -19.88 -36.72
N LEU A 54 -4.53 -19.23 -37.60
CA LEU A 54 -5.04 -17.90 -37.31
C LEU A 54 -6.26 -18.00 -36.39
N LYS A 55 -6.25 -17.25 -35.30
CA LYS A 55 -7.41 -17.24 -34.44
C LYS A 55 -8.59 -16.60 -35.16
N THR A 56 -9.78 -17.17 -34.97
CA THR A 56 -10.96 -16.69 -35.67
C THR A 56 -11.15 -15.20 -35.42
N GLY A 57 -11.43 -14.45 -36.49
CA GLY A 57 -11.63 -13.03 -36.39
C GLY A 57 -10.37 -12.20 -36.60
N VAL A 58 -9.19 -12.81 -36.50
CA VAL A 58 -7.95 -12.06 -36.76
C VAL A 58 -7.79 -11.82 -38.25
N PRO A 59 -7.44 -10.61 -38.68
CA PRO A 59 -7.39 -10.33 -40.13
C PRO A 59 -6.39 -11.22 -40.86
N SER A 60 -6.70 -11.49 -42.14
CA SER A 60 -5.90 -12.45 -42.90
C SER A 60 -4.51 -11.94 -43.24
N ARG A 61 -4.26 -10.63 -43.11
CA ARG A 61 -2.90 -10.15 -43.36
C ARG A 61 -1.90 -10.66 -42.32
N PHE A 62 -2.34 -11.25 -41.20
CA PHE A 62 -1.42 -11.89 -40.26
C PHE A 62 -1.21 -13.35 -40.63
N SER A 63 0.04 -13.81 -40.58
CA SER A 63 0.29 -15.22 -40.82
C SER A 63 1.59 -15.62 -40.13
N GLY A 64 1.68 -16.90 -39.80
CA GLY A 64 2.85 -17.41 -39.12
C GLY A 64 3.27 -18.72 -39.73
N SER A 65 4.54 -19.01 -39.58
CA SER A 65 5.07 -20.25 -40.11
C SER A 65 6.25 -20.67 -39.26
N GLY A 66 6.78 -21.86 -39.55
CA GLY A 66 7.90 -22.39 -38.83
C GLY A 66 7.61 -23.66 -38.05
N SER A 67 8.67 -24.35 -37.67
CA SER A 67 8.58 -25.50 -36.78
C SER A 67 9.98 -25.77 -36.25
N GLY A 68 10.04 -26.51 -35.16
CA GLY A 68 11.32 -26.82 -34.55
C GLY A 68 11.84 -25.66 -33.72
N THR A 69 12.78 -24.88 -34.28
CA THR A 69 13.40 -23.79 -33.56
C THR A 69 13.27 -22.43 -34.21
N GLU A 70 12.72 -22.34 -35.41
CA GLU A 70 12.68 -21.08 -36.15
C GLU A 70 11.25 -20.77 -36.56
N PHE A 71 10.76 -19.61 -36.12
CA PHE A 71 9.37 -19.23 -36.39
C PHE A 71 9.34 -17.80 -36.88
N THR A 72 8.32 -17.48 -37.66
CA THR A 72 8.18 -16.14 -38.24
C THR A 72 6.73 -15.72 -38.20
N LEU A 73 6.51 -14.46 -37.86
CA LEU A 73 5.22 -13.81 -38.01
C LEU A 73 5.35 -12.82 -39.15
N THR A 74 4.44 -12.90 -40.11
CA THR A 74 4.42 -11.99 -41.25
C THR A 74 3.15 -11.15 -41.19
N ILE A 75 3.30 -9.84 -41.38
CA ILE A 75 2.18 -8.93 -41.54
C ILE A 75 2.28 -8.38 -42.96
N SER A 76 1.33 -8.76 -43.81
CA SER A 76 1.36 -8.47 -45.25
C SER A 76 0.49 -7.25 -45.53
N GLY A 77 1.08 -6.06 -45.44
CA GLY A 77 0.35 -4.82 -45.62
C GLY A 77 -0.02 -4.13 -44.33
N LEU A 78 0.98 -3.55 -43.66
CA LEU A 78 0.75 -2.93 -42.35
C LEU A 78 -0.33 -1.86 -42.46
N GLN A 79 -1.30 -1.91 -41.56
CA GLN A 79 -2.26 -0.84 -41.36
C GLN A 79 -1.94 -0.08 -40.09
N PHE A 80 -2.49 1.13 -39.96
CA PHE A 80 -2.14 1.95 -38.81
C PHE A 80 -2.40 1.20 -37.50
N ASP A 81 -3.44 0.35 -37.46
CA ASP A 81 -3.82 -0.38 -36.25
C ASP A 81 -2.79 -1.44 -35.86
N ASP A 82 -1.88 -1.80 -36.77
CA ASP A 82 -0.91 -2.86 -36.55
C ASP A 82 0.36 -2.36 -35.86
N PHE A 83 0.54 -1.06 -35.73
CA PHE A 83 1.72 -0.59 -35.03
C PHE A 83 1.51 -0.80 -33.53
N ALA A 84 2.36 -1.63 -32.96
CA ALA A 84 2.09 -2.24 -31.65
C ALA A 84 3.27 -3.12 -31.27
N THR A 85 3.24 -3.76 -30.09
CA THR A 85 4.25 -4.75 -29.74
C THR A 85 3.71 -6.12 -30.07
N TYR A 86 4.59 -7.00 -30.54
CA TYR A 86 4.23 -8.38 -30.86
C TYR A 86 5.10 -9.28 -30.01
N HIS A 87 4.47 -10.30 -29.41
CA HIS A 87 5.13 -11.23 -28.51
C HIS A 87 5.00 -12.66 -29.04
N CYS A 88 6.10 -13.41 -29.01
CA CYS A 88 5.99 -14.84 -29.25
C CYS A 88 5.99 -15.58 -27.93
N GLN A 89 5.42 -16.77 -27.96
CA GLN A 89 5.28 -17.56 -26.73
C GLN A 89 5.38 -19.03 -27.07
N HIS A 90 6.27 -19.74 -26.38
CA HIS A 90 6.22 -21.19 -26.33
C HIS A 90 5.27 -21.57 -25.20
N TYR A 91 4.28 -22.39 -25.52
CA TYR A 91 3.32 -22.81 -24.48
C TYR A 91 3.33 -24.32 -24.36
N ALA A 92 3.49 -24.81 -23.12
CA ALA A 92 3.42 -26.24 -22.82
C ALA A 92 2.20 -26.49 -21.93
N GLY A 93 2.03 -27.75 -21.51
CA GLY A 93 0.80 -28.10 -20.83
C GLY A 93 0.59 -27.28 -19.57
N TYR A 94 1.65 -27.07 -18.79
CA TYR A 94 1.52 -26.39 -17.51
C TYR A 94 2.46 -25.21 -17.33
N SER A 95 3.14 -24.76 -18.38
CA SER A 95 4.04 -23.63 -18.24
C SER A 95 4.12 -22.94 -19.60
N ALA A 96 4.77 -21.77 -19.62
CA ALA A 96 4.97 -21.04 -20.86
C ALA A 96 6.22 -20.16 -20.73
N THR A 97 6.72 -19.65 -21.88
CA THR A 97 7.80 -18.68 -21.84
C THR A 97 7.64 -17.78 -23.06
N PHE A 98 8.01 -16.52 -22.91
CA PHE A 98 7.82 -15.55 -24.00
C PHE A 98 9.17 -15.06 -24.54
N GLY A 99 9.17 -14.65 -25.81
CA GLY A 99 10.26 -13.83 -26.29
C GLY A 99 10.19 -12.46 -25.62
N GLN A 100 11.15 -11.60 -25.98
CA GLN A 100 11.25 -10.28 -25.34
C GLN A 100 10.30 -9.25 -25.94
N GLY A 101 9.61 -9.58 -27.01
CA GLY A 101 8.70 -8.65 -27.68
C GLY A 101 9.39 -7.84 -28.76
N THR A 102 8.62 -7.49 -29.79
CA THR A 102 9.05 -6.65 -30.90
C THR A 102 8.12 -5.46 -31.02
N ARG A 103 8.65 -4.24 -30.88
CA ARG A 103 7.85 -3.03 -31.05
C ARG A 103 7.90 -2.62 -32.53
N VAL A 104 6.74 -2.57 -33.17
CA VAL A 104 6.64 -2.17 -34.58
C VAL A 104 6.18 -0.72 -34.61
N GLU A 105 6.97 0.17 -35.23
CA GLU A 105 6.69 1.60 -35.21
C GLU A 105 6.74 2.12 -36.63
N ILE A 106 6.22 3.35 -36.81
CA ILE A 106 6.27 4.01 -38.11
C ILE A 106 7.65 4.60 -38.34
N LYS A 107 8.24 4.32 -39.51
CA LYS A 107 9.60 4.80 -39.78
C LYS A 107 9.55 6.23 -40.29
N ARG A 108 10.53 7.04 -39.86
CA ARG A 108 10.70 8.39 -40.37
C ARG A 108 12.18 8.71 -40.26
N THR A 109 12.58 9.91 -40.72
CA THR A 109 13.98 10.25 -40.56
C THR A 109 14.36 10.51 -39.09
N VAL A 110 15.65 10.38 -38.80
CA VAL A 110 16.14 10.73 -37.46
C VAL A 110 15.84 12.19 -37.17
N ALA A 111 15.37 12.46 -35.96
CA ALA A 111 15.05 13.82 -35.54
C ALA A 111 15.59 13.99 -34.13
N ALA A 112 16.45 14.99 -33.95
CA ALA A 112 17.00 15.19 -32.61
C ALA A 112 15.97 15.88 -31.72
N PRO A 113 15.98 15.59 -30.42
CA PRO A 113 15.05 16.27 -29.51
C PRO A 113 15.40 17.74 -29.41
N SER A 114 14.37 18.57 -29.33
CA SER A 114 14.53 19.92 -28.83
C SER A 114 14.37 19.84 -27.32
N VAL A 115 15.35 20.34 -26.58
CA VAL A 115 15.43 20.16 -25.13
C VAL A 115 15.08 21.47 -24.43
N PHE A 116 14.25 21.37 -23.38
CA PHE A 116 13.85 22.51 -22.56
C PHE A 116 13.87 22.08 -21.10
N ILE A 117 14.33 22.96 -20.22
CA ILE A 117 14.33 22.69 -18.78
C ILE A 117 13.48 23.75 -18.10
N PHE A 118 12.64 23.34 -17.14
CA PHE A 118 11.78 24.25 -16.41
C PHE A 118 12.09 24.17 -14.92
N PRO A 119 12.37 25.30 -14.27
CA PRO A 119 12.57 25.27 -12.81
C PRO A 119 11.24 25.14 -12.08
N PRO A 120 11.26 24.79 -10.80
CA PRO A 120 10.01 24.74 -10.04
C PRO A 120 9.35 26.10 -9.96
N SER A 121 8.02 26.10 -10.02
CA SER A 121 7.26 27.34 -9.82
C SER A 121 7.38 27.81 -8.37
N ASP A 122 7.29 29.13 -8.19
CA ASP A 122 7.36 29.70 -6.85
C ASP A 122 6.26 29.14 -5.95
N GLU A 123 5.05 28.99 -6.50
CA GLU A 123 3.93 28.47 -5.72
C GLU A 123 4.27 27.10 -5.13
N GLN A 124 4.61 26.13 -5.99
CA GLN A 124 4.97 24.81 -5.49
C GLN A 124 6.12 24.89 -4.50
N LEU A 125 7.11 25.73 -4.81
CA LEU A 125 8.29 25.84 -3.96
C LEU A 125 7.94 26.34 -2.57
N LYS A 126 6.91 27.21 -2.47
CA LYS A 126 6.49 27.71 -1.16
C LYS A 126 5.82 26.62 -0.34
N SER A 127 5.25 25.61 -1.00
CA SER A 127 4.65 24.47 -0.32
C SER A 127 5.69 23.47 0.21
N GLY A 128 6.96 23.59 -0.19
CA GLY A 128 8.01 22.74 0.34
C GLY A 128 8.53 21.67 -0.61
N THR A 129 8.10 21.66 -1.88
CA THR A 129 8.53 20.65 -2.84
C THR A 129 8.98 21.34 -4.13
N ALA A 130 10.05 20.83 -4.72
CA ALA A 130 10.59 21.38 -5.96
C ALA A 130 10.55 20.30 -7.05
N SER A 131 9.72 20.54 -8.06
CA SER A 131 9.68 19.68 -9.23
C SER A 131 10.41 20.41 -10.36
N VAL A 132 11.52 19.84 -10.83
CA VAL A 132 12.24 20.36 -11.99
C VAL A 132 11.97 19.44 -13.18
N VAL A 133 11.51 20.00 -14.29
CA VAL A 133 11.05 19.21 -15.43
C VAL A 133 11.94 19.47 -16.64
N CYS A 134 12.36 18.39 -17.29
CA CYS A 134 13.13 18.45 -18.53
C CYS A 134 12.26 17.86 -19.64
N LEU A 135 12.18 18.54 -20.78
CA LEU A 135 11.32 18.12 -21.89
C LEU A 135 12.18 17.84 -23.11
N LEU A 136 12.02 16.66 -23.70
CA LEU A 136 12.65 16.29 -24.97
C LEU A 136 11.53 16.25 -25.98
N ASN A 137 11.52 17.19 -26.93
CA ASN A 137 10.35 17.38 -27.78
C ASN A 137 10.67 16.87 -29.18
N ASN A 138 9.77 16.02 -29.70
CA ASN A 138 9.68 15.63 -31.11
C ASN A 138 10.97 14.99 -31.64
N PHE A 139 11.33 13.86 -31.06
CA PHE A 139 12.53 13.14 -31.48
C PHE A 139 12.18 11.79 -32.06
N TYR A 140 13.15 11.22 -32.81
CA TYR A 140 12.99 9.91 -33.40
C TYR A 140 14.37 9.39 -33.72
N PRO A 141 14.70 8.13 -33.40
CA PRO A 141 13.84 7.07 -32.85
C PRO A 141 13.58 7.26 -31.35
N ARG A 142 12.96 6.26 -30.73
CA ARG A 142 12.41 6.44 -29.39
C ARG A 142 13.47 6.45 -28.29
N GLU A 143 14.62 5.84 -28.53
CA GLU A 143 15.62 5.68 -27.48
C GLU A 143 16.26 7.03 -27.19
N ALA A 144 16.12 7.50 -25.95
CA ALA A 144 16.81 8.70 -25.56
C ALA A 144 17.19 8.52 -24.11
N LYS A 145 18.24 9.21 -23.70
CA LYS A 145 18.70 9.08 -22.33
C LYS A 145 18.78 10.46 -21.72
N VAL A 146 18.23 10.62 -20.53
CA VAL A 146 18.29 11.87 -19.81
C VAL A 146 19.03 11.59 -18.50
N GLN A 147 20.00 12.44 -18.20
CA GLN A 147 20.69 12.38 -16.92
C GLN A 147 20.59 13.75 -16.29
N TRP A 148 20.25 13.77 -15.01
CA TRP A 148 20.18 15.02 -14.28
C TRP A 148 21.48 15.21 -13.52
N LYS A 149 21.96 16.45 -13.49
CA LYS A 149 23.14 16.81 -12.73
C LYS A 149 22.85 18.08 -11.95
N VAL A 150 23.11 18.03 -10.64
CA VAL A 150 22.97 19.17 -9.76
C VAL A 150 24.37 19.52 -9.26
N ASP A 151 24.83 20.72 -9.56
CA ASP A 151 26.21 21.10 -9.27
C ASP A 151 27.17 20.02 -9.77
N ASN A 152 26.95 19.57 -11.00
CA ASN A 152 27.77 18.56 -11.66
C ASN A 152 27.69 17.20 -10.97
N ALA A 153 26.69 17.00 -10.12
CA ALA A 153 26.51 15.75 -9.39
C ALA A 153 25.45 14.90 -10.09
N LEU A 154 25.85 13.71 -10.55
CA LEU A 154 24.91 12.82 -11.24
C LEU A 154 23.81 12.37 -10.29
N GLN A 155 22.56 12.65 -10.64
CA GLN A 155 21.46 12.20 -9.81
C GLN A 155 21.09 10.76 -10.14
N SER A 156 20.46 10.10 -9.17
CA SER A 156 20.06 8.70 -9.33
C SER A 156 18.94 8.42 -8.33
N GLY A 157 17.83 7.89 -8.82
CA GLY A 157 16.74 7.42 -7.98
C GLY A 157 15.71 8.48 -7.61
N ASN A 158 15.91 9.74 -8.02
CA ASN A 158 14.99 10.82 -7.67
C ASN A 158 14.30 11.43 -8.91
N SER A 159 14.17 10.69 -9.99
CA SER A 159 13.49 11.22 -11.16
C SER A 159 12.60 10.14 -11.73
N GLN A 160 11.53 10.56 -12.41
CA GLN A 160 10.66 9.67 -13.17
C GLN A 160 10.46 10.24 -14.57
N GLU A 161 10.25 9.34 -15.52
CA GLU A 161 10.11 9.68 -16.93
C GLU A 161 8.77 9.21 -17.47
N SER A 162 8.30 9.89 -18.51
CA SER A 162 7.13 9.47 -19.24
C SER A 162 7.34 9.81 -20.72
N VAL A 163 6.87 8.95 -21.62
CA VAL A 163 7.08 9.15 -23.06
C VAL A 163 5.75 9.03 -23.79
N THR A 164 5.54 9.90 -24.80
CA THR A 164 4.31 9.84 -25.55
C THR A 164 4.36 8.69 -26.56
N GLU A 165 3.20 8.32 -27.07
CA GLU A 165 3.16 7.47 -28.26
C GLU A 165 3.54 8.28 -29.50
N GLN A 166 3.81 7.57 -30.62
CA GLN A 166 4.18 8.25 -31.84
C GLN A 166 3.13 9.26 -32.27
N ASP A 167 3.58 10.48 -32.53
CA ASP A 167 2.69 11.55 -32.97
C ASP A 167 1.99 11.16 -34.27
N SER A 168 0.68 11.41 -34.34
CA SER A 168 -0.12 10.98 -35.48
C SER A 168 0.23 11.75 -36.75
N LYS A 169 0.77 12.96 -36.63
CA LYS A 169 1.11 13.77 -37.79
C LYS A 169 2.57 13.66 -38.18
N ASP A 170 3.51 13.66 -37.23
CA ASP A 170 4.92 13.66 -37.60
C ASP A 170 5.70 12.45 -37.12
N SER A 171 5.04 11.46 -36.50
CA SER A 171 5.65 10.19 -36.11
C SER A 171 6.83 10.32 -35.13
N THR A 172 6.96 11.43 -34.39
CA THR A 172 8.01 11.59 -33.40
C THR A 172 7.48 11.18 -32.03
N TYR A 173 8.40 11.12 -31.08
CA TYR A 173 8.13 10.90 -29.66
C TYR A 173 8.52 12.13 -28.88
N SER A 174 7.90 12.30 -27.69
CA SER A 174 8.33 13.33 -26.78
C SER A 174 8.43 12.68 -25.39
N LEU A 175 9.28 13.26 -24.56
CA LEU A 175 9.61 12.68 -23.25
C LEU A 175 9.67 13.79 -22.21
N SER A 176 9.11 13.53 -21.03
CA SER A 176 9.25 14.47 -19.93
C SER A 176 9.86 13.72 -18.77
N SER A 177 10.84 14.34 -18.12
CA SER A 177 11.49 13.80 -16.95
C SER A 177 11.34 14.80 -15.81
N THR A 178 10.87 14.32 -14.65
CA THR A 178 10.66 15.19 -13.50
C THR A 178 11.59 14.75 -12.40
N LEU A 179 12.45 15.67 -11.96
CA LEU A 179 13.33 15.48 -10.81
C LEU A 179 12.65 16.11 -9.63
N THR A 180 12.38 15.33 -8.58
CA THR A 180 11.62 15.83 -7.44
C THR A 180 12.52 15.91 -6.21
N LEU A 181 12.46 17.05 -5.53
CA LEU A 181 13.28 17.30 -4.35
C LEU A 181 12.49 18.17 -3.39
N SER A 182 12.71 17.96 -2.09
CA SER A 182 12.09 18.85 -1.11
C SER A 182 12.65 20.25 -1.28
N LYS A 183 11.85 21.24 -0.89
CA LYS A 183 12.31 22.62 -0.92
C LYS A 183 13.67 22.75 -0.25
N ALA A 184 13.87 22.03 0.86
CA ALA A 184 15.13 22.13 1.58
C ALA A 184 16.31 21.64 0.75
N ASP A 185 16.21 20.42 0.22
CA ASP A 185 17.33 19.86 -0.55
C ASP A 185 17.59 20.67 -1.82
N TYR A 186 16.53 21.22 -2.43
CA TYR A 186 16.68 22.01 -3.65
C TYR A 186 17.51 23.25 -3.40
N GLU A 187 17.31 23.90 -2.25
CA GLU A 187 18.06 25.11 -1.90
C GLU A 187 19.49 24.81 -1.44
N LYS A 188 19.89 23.53 -1.42
CA LYS A 188 21.27 23.17 -1.09
C LYS A 188 22.25 23.36 -2.25
N HIS A 189 21.77 23.47 -3.49
CA HIS A 189 22.66 23.50 -4.65
C HIS A 189 22.26 24.63 -5.59
N LYS A 190 23.16 24.94 -6.53
CA LYS A 190 23.02 26.10 -7.41
C LYS A 190 22.63 25.73 -8.83
N VAL A 191 23.42 24.91 -9.51
CA VAL A 191 23.22 24.64 -10.93
C VAL A 191 22.40 23.36 -11.09
N TYR A 192 21.30 23.46 -11.84
CA TYR A 192 20.46 22.32 -12.17
C TYR A 192 20.48 22.13 -13.69
N ALA A 193 20.82 20.93 -14.14
CA ALA A 193 21.02 20.68 -15.56
C ALA A 193 20.53 19.30 -15.95
N CYS A 194 19.93 19.21 -17.14
CA CYS A 194 19.51 17.95 -17.74
CA CYS A 194 19.56 17.91 -17.71
C CYS A 194 20.34 17.70 -18.98
N GLU A 195 20.92 16.50 -19.10
CA GLU A 195 21.82 16.13 -20.18
C GLU A 195 21.19 15.02 -21.02
N VAL A 196 21.15 15.21 -22.33
CA VAL A 196 20.36 14.37 -23.20
C VAL A 196 21.29 13.74 -24.23
N THR A 197 21.19 12.44 -24.42
CA THR A 197 21.83 11.76 -25.54
C THR A 197 20.77 11.08 -26.40
N HIS A 198 21.03 11.03 -27.70
CA HIS A 198 20.04 10.54 -28.64
C HIS A 198 20.74 10.30 -29.97
N GLN A 199 20.21 9.37 -30.76
CA GLN A 199 20.86 9.03 -32.02
C GLN A 199 21.04 10.24 -32.93
N GLY A 200 20.17 11.24 -32.81
CA GLY A 200 20.23 12.45 -33.59
C GLY A 200 21.20 13.50 -33.10
N LEU A 201 21.88 13.26 -31.97
CA LEU A 201 22.84 14.20 -31.39
C LEU A 201 24.22 13.59 -31.51
N SER A 202 25.15 14.32 -32.13
CA SER A 202 26.51 13.82 -32.26
C SER A 202 27.26 13.87 -30.95
N SER A 203 26.85 14.76 -30.05
CA SER A 203 27.37 14.82 -28.69
C SER A 203 26.20 15.18 -27.78
N PRO A 204 26.30 14.85 -26.50
CA PRO A 204 25.17 15.14 -25.59
C PRO A 204 24.87 16.62 -25.50
N VAL A 205 23.59 16.92 -25.35
CA VAL A 205 23.07 18.28 -25.19
C VAL A 205 22.68 18.48 -23.73
N THR A 206 23.05 19.63 -23.17
CA THR A 206 22.75 19.97 -21.79
C THR A 206 22.00 21.30 -21.73
N LYS A 207 20.86 21.31 -21.03
CA LYS A 207 20.15 22.53 -20.68
C LYS A 207 20.18 22.69 -19.17
N SER A 208 20.45 23.90 -18.70
CA SER A 208 20.65 24.12 -17.27
C SER A 208 20.07 25.47 -16.85
N PHE A 209 19.93 25.64 -15.54
CA PHE A 209 19.58 26.92 -14.95
C PHE A 209 20.24 27.01 -13.57
N ASN A 210 20.44 28.24 -13.12
CA ASN A 210 20.98 28.52 -11.79
C ASN A 210 19.83 28.86 -10.85
N ARG A 211 19.77 28.17 -9.73
CA ARG A 211 18.69 28.42 -8.77
C ARG A 211 18.67 29.91 -8.43
N GLY A 212 17.51 30.53 -8.64
CA GLY A 212 17.36 31.96 -8.43
C GLY A 212 17.72 32.76 -9.67
N GLU B 1 -19.21 -11.63 -24.23
CA GLU B 1 -17.77 -11.82 -24.38
C GLU B 1 -17.13 -12.27 -23.07
N VAL B 2 -16.14 -13.16 -23.16
CA VAL B 2 -15.45 -13.62 -21.95
C VAL B 2 -14.65 -12.47 -21.38
N GLN B 3 -14.59 -12.39 -20.05
CA GLN B 3 -13.88 -11.31 -19.41
C GLN B 3 -13.21 -11.82 -18.14
N LEU B 4 -12.07 -11.23 -17.82
CA LEU B 4 -11.36 -11.48 -16.56
C LEU B 4 -10.99 -10.14 -15.96
N VAL B 5 -10.89 -10.07 -14.63
CA VAL B 5 -10.55 -8.82 -13.99
C VAL B 5 -9.70 -9.07 -12.75
N GLU B 6 -8.49 -8.49 -12.73
CA GLU B 6 -7.60 -8.60 -11.58
C GLU B 6 -7.92 -7.55 -10.52
N SER B 7 -7.71 -7.92 -9.25
CA SER B 7 -7.80 -7.01 -8.10
C SER B 7 -6.56 -7.18 -7.24
N GLY B 8 -6.24 -6.12 -6.46
CA GLY B 8 -5.17 -6.21 -5.50
C GLY B 8 -3.83 -5.56 -5.78
N GLY B 9 -3.62 -4.93 -6.92
CA GLY B 9 -2.33 -4.30 -7.16
C GLY B 9 -2.05 -3.08 -6.28
N GLY B 10 -0.83 -2.55 -6.38
CA GLY B 10 -0.48 -1.33 -5.65
C GLY B 10 1.02 -1.25 -5.40
N LEU B 11 1.41 -0.40 -4.44
CA LEU B 11 2.80 -0.22 -4.06
C LEU B 11 3.17 -1.15 -2.91
N VAL B 12 4.32 -1.78 -3.02
CA VAL B 12 4.85 -2.70 -2.02
C VAL B 12 6.29 -2.33 -1.73
N LYS B 13 6.72 -2.46 -0.47
CA LYS B 13 8.14 -2.31 -0.15
C LYS B 13 8.85 -3.64 -0.39
N ALA B 14 10.10 -3.59 -0.85
CA ALA B 14 10.87 -4.82 -1.01
C ALA B 14 10.81 -5.65 0.26
N GLY B 15 10.66 -6.97 0.09
CA GLY B 15 10.48 -7.88 1.19
C GLY B 15 9.05 -8.07 1.64
N GLY B 16 8.14 -7.17 1.23
CA GLY B 16 6.75 -7.23 1.64
C GLY B 16 5.95 -8.27 0.86
N SER B 17 4.66 -8.35 1.19
CA SER B 17 3.75 -9.33 0.61
C SER B 17 2.56 -8.62 -0.01
N LEU B 18 2.03 -9.19 -1.10
CA LEU B 18 0.84 -8.66 -1.73
C LEU B 18 0.09 -9.83 -2.35
N ILE B 19 -1.22 -9.83 -2.21
CA ILE B 19 -2.04 -10.90 -2.76
C ILE B 19 -2.94 -10.34 -3.84
N LEU B 20 -2.93 -10.96 -5.02
CA LEU B 20 -3.81 -10.59 -6.10
C LEU B 20 -4.94 -11.58 -6.24
N SER B 21 -6.06 -11.13 -6.80
CA SER B 21 -7.12 -12.05 -7.17
C SER B 21 -7.62 -11.75 -8.59
N CYS B 22 -8.31 -12.72 -9.15
CA CYS B 22 -8.84 -12.64 -10.50
C CYS B 22 -10.25 -13.22 -10.47
N GLY B 23 -11.24 -12.45 -10.94
CA GLY B 23 -12.57 -12.96 -11.17
C GLY B 23 -12.92 -12.89 -12.66
N VAL B 24 -14.02 -13.54 -13.04
CA VAL B 24 -14.36 -13.73 -14.46
C VAL B 24 -15.83 -13.43 -14.72
N SER B 25 -16.16 -13.29 -16.02
CA SER B 25 -17.52 -13.09 -16.48
C SER B 25 -17.75 -13.92 -17.73
N ASN B 26 -18.90 -14.59 -17.80
CA ASN B 26 -19.41 -15.24 -19.01
C ASN B 26 -18.70 -16.55 -19.34
N PHE B 27 -18.00 -17.15 -18.37
CA PHE B 27 -17.51 -18.52 -18.48
C PHE B 27 -17.18 -18.99 -17.08
N ARG B 28 -17.01 -20.31 -16.95
CA ARG B 28 -16.62 -20.94 -15.70
C ARG B 28 -15.15 -21.33 -15.79
N ILE B 29 -14.38 -21.08 -14.74
CA ILE B 29 -12.95 -21.42 -14.81
C ILE B 29 -12.66 -22.92 -14.71
N SER B 30 -13.60 -23.76 -14.24
CA SER B 30 -13.22 -25.11 -13.82
C SER B 30 -12.58 -25.94 -14.94
N ALA B 31 -12.95 -25.70 -16.21
CA ALA B 31 -12.35 -26.52 -17.27
C ALA B 31 -10.98 -26.02 -17.71
N HIS B 32 -10.49 -24.90 -17.16
CA HIS B 32 -9.31 -24.23 -17.70
C HIS B 32 -8.14 -24.24 -16.75
N THR B 33 -6.96 -24.52 -17.29
CA THR B 33 -5.74 -24.09 -16.63
C THR B 33 -5.69 -22.56 -16.60
N MET B 34 -5.43 -21.99 -15.41
CA MET B 34 -5.39 -20.54 -15.24
C MET B 34 -3.97 -20.12 -14.95
N ASN B 35 -3.59 -18.93 -15.43
CA ASN B 35 -2.21 -18.47 -15.41
C ASN B 35 -2.12 -17.04 -14.91
N TRP B 36 -0.97 -16.71 -14.33
CA TRP B 36 -0.57 -15.33 -14.14
C TRP B 36 0.63 -15.04 -15.05
N VAL B 37 0.59 -13.86 -15.68
CA VAL B 37 1.63 -13.36 -16.59
C VAL B 37 1.91 -11.92 -16.18
N ARG B 38 3.15 -11.45 -16.33
CA ARG B 38 3.44 -10.06 -16.01
C ARG B 38 4.19 -9.37 -17.16
N ARG B 39 3.92 -8.07 -17.31
CA ARG B 39 4.58 -7.21 -18.32
C ARG B 39 5.55 -6.29 -17.56
N VAL B 40 6.85 -6.55 -17.69
CA VAL B 40 7.87 -5.79 -16.96
C VAL B 40 8.05 -4.44 -17.64
N PRO B 41 8.70 -3.48 -16.98
CA PRO B 41 8.80 -2.13 -17.57
C PRO B 41 9.48 -2.10 -18.94
N GLY B 42 10.40 -3.02 -19.21
CA GLY B 42 11.03 -3.03 -20.52
C GLY B 42 10.10 -3.39 -21.67
N GLY B 43 8.91 -3.93 -21.36
CA GLY B 43 7.90 -4.21 -22.36
C GLY B 43 7.62 -5.67 -22.60
N GLY B 44 8.52 -6.57 -22.23
CA GLY B 44 8.30 -7.96 -22.51
C GLY B 44 7.39 -8.63 -21.46
N LEU B 45 6.82 -9.76 -21.86
CA LEU B 45 5.98 -10.58 -21.01
C LEU B 45 6.80 -11.67 -20.32
N GLU B 46 6.40 -12.02 -19.10
CA GLU B 46 7.01 -13.10 -18.33
C GLU B 46 5.89 -13.95 -17.77
N TRP B 47 5.89 -15.23 -18.11
CA TRP B 47 4.98 -16.17 -17.45
C TRP B 47 5.36 -16.30 -15.97
N VAL B 48 4.35 -16.24 -15.09
CA VAL B 48 4.58 -16.25 -13.64
C VAL B 48 4.16 -17.57 -13.01
N ALA B 49 2.93 -18.00 -13.26
CA ALA B 49 2.47 -19.21 -12.60
C ALA B 49 1.28 -19.79 -13.36
N SER B 50 1.08 -21.09 -13.15
CA SER B 50 -0.03 -21.82 -13.75
C SER B 50 -0.62 -22.76 -12.73
N ILE B 51 -1.93 -23.01 -12.83
CA ILE B 51 -2.62 -23.98 -11.97
C ILE B 51 -3.60 -24.76 -12.83
N SER B 52 -3.43 -26.07 -12.88
CA SER B 52 -4.25 -26.90 -13.76
C SER B 52 -5.65 -27.11 -13.17
N THR B 53 -6.50 -27.77 -13.95
CA THR B 53 -7.81 -28.15 -13.44
C THR B 53 -7.63 -29.02 -12.20
N SER B 54 -8.54 -28.86 -11.25
CA SER B 54 -8.50 -29.55 -9.95
C SER B 54 -7.26 -29.23 -9.13
N SER B 55 -6.48 -28.22 -9.53
CA SER B 55 -5.22 -27.87 -8.86
C SER B 55 -4.26 -29.06 -8.81
N THR B 56 -4.38 -30.01 -9.75
CA THR B 56 -3.47 -31.15 -9.72
C THR B 56 -2.01 -30.73 -9.89
N TYR B 57 -1.74 -29.70 -10.72
CA TYR B 57 -0.39 -29.23 -10.95
C TYR B 57 -0.35 -27.72 -10.74
N ARG B 58 0.64 -27.25 -9.99
CA ARG B 58 0.91 -25.82 -9.85
C ARG B 58 2.36 -25.61 -10.26
N ASP B 59 2.58 -24.73 -11.23
CA ASP B 59 3.93 -24.48 -11.73
C ASP B 59 4.25 -23.00 -11.64
N TYR B 60 5.54 -22.70 -11.41
CA TYR B 60 6.01 -21.34 -11.21
C TYR B 60 7.25 -21.08 -12.04
N ALA B 61 7.41 -19.82 -12.47
CA ALA B 61 8.67 -19.42 -13.07
C ALA B 61 9.80 -19.53 -12.04
N ASP B 62 10.99 -19.88 -12.50
CA ASP B 62 12.13 -20.03 -11.60
C ASP B 62 12.32 -18.79 -10.71
N ALA B 63 12.06 -17.61 -11.27
CA ALA B 63 12.32 -16.35 -10.57
C ALA B 63 11.37 -16.12 -9.40
N VAL B 64 10.25 -16.82 -9.33
CA VAL B 64 9.29 -16.64 -8.24
C VAL B 64 9.08 -17.90 -7.41
N LYS B 65 9.69 -19.01 -7.79
CA LYS B 65 9.47 -20.25 -7.05
C LYS B 65 9.92 -20.09 -5.61
N GLY B 66 9.09 -20.57 -4.66
CA GLY B 66 9.37 -20.43 -3.24
C GLY B 66 8.89 -19.13 -2.61
N ARG B 67 8.45 -18.16 -3.41
CA ARG B 67 7.94 -16.87 -2.95
C ARG B 67 6.48 -16.63 -3.33
N PHE B 68 6.02 -17.18 -4.45
CA PHE B 68 4.66 -16.99 -4.95
C PHE B 68 3.88 -18.27 -4.76
N THR B 69 2.57 -18.13 -4.62
CA THR B 69 1.63 -19.24 -4.59
C THR B 69 0.39 -18.91 -5.40
N VAL B 70 -0.07 -19.85 -6.23
CA VAL B 70 -1.30 -19.72 -7.00
C VAL B 70 -2.33 -20.72 -6.46
N SER B 71 -3.57 -20.26 -6.29
CA SER B 71 -4.70 -21.06 -5.84
C SER B 71 -5.89 -20.76 -6.73
N ARG B 72 -6.84 -21.68 -6.77
CA ARG B 72 -8.06 -21.48 -7.54
C ARG B 72 -9.28 -21.79 -6.70
N ASP B 73 -10.40 -21.16 -7.05
CA ASP B 73 -11.68 -21.35 -6.35
C ASP B 73 -12.69 -21.64 -7.45
N ASP B 74 -12.94 -22.92 -7.74
CA ASP B 74 -13.78 -23.24 -8.90
C ASP B 74 -15.26 -23.02 -8.63
N LEU B 75 -15.67 -22.88 -7.37
CA LEU B 75 -17.09 -22.73 -7.14
C LEU B 75 -17.57 -21.30 -7.31
N GLU B 76 -16.74 -20.30 -6.97
CA GLU B 76 -17.08 -18.91 -7.22
C GLU B 76 -16.16 -18.28 -8.27
N ASP B 77 -15.29 -19.07 -8.90
CA ASP B 77 -14.55 -18.67 -10.10
C ASP B 77 -13.57 -17.54 -9.81
N PHE B 78 -12.63 -17.79 -8.91
CA PHE B 78 -11.55 -16.87 -8.62
C PHE B 78 -10.23 -17.60 -8.74
N VAL B 79 -9.20 -16.86 -9.10
CA VAL B 79 -7.85 -17.35 -9.05
C VAL B 79 -7.07 -16.38 -8.17
N TYR B 80 -6.11 -16.91 -7.43
CA TYR B 80 -5.34 -16.09 -6.50
C TYR B 80 -3.84 -16.20 -6.79
N LEU B 81 -3.11 -15.12 -6.51
CA LEU B 81 -1.65 -15.14 -6.54
C LEU B 81 -1.13 -14.45 -5.29
N GLN B 82 -0.55 -15.25 -4.37
CA GLN B 82 0.19 -14.71 -3.23
C GLN B 82 1.61 -14.38 -3.70
N MET B 83 2.07 -13.18 -3.39
CA MET B 83 3.45 -12.78 -3.69
C MET B 83 4.11 -12.38 -2.39
N HIS B 84 5.16 -13.12 -2.02
CA HIS B 84 5.90 -12.87 -0.78
C HIS B 84 7.35 -12.51 -1.09
N LYS B 85 8.03 -11.94 -0.10
CA LYS B 85 9.43 -11.57 -0.22
C LYS B 85 9.68 -10.80 -1.51
N MET B 86 8.88 -9.78 -1.74
CA MET B 86 8.88 -9.20 -3.07
C MET B 86 10.18 -8.45 -3.36
N ARG B 87 10.54 -8.43 -4.65
CA ARG B 87 11.78 -7.85 -5.12
C ARG B 87 11.48 -6.76 -6.13
N VAL B 88 12.42 -5.83 -6.28
CA VAL B 88 12.26 -4.75 -7.24
C VAL B 88 11.87 -5.29 -8.62
N GLU B 89 12.46 -6.40 -9.02
CA GLU B 89 12.19 -6.88 -10.37
C GLU B 89 10.83 -7.58 -10.49
N ASP B 90 10.07 -7.73 -9.40
CA ASP B 90 8.68 -8.12 -9.50
C ASP B 90 7.79 -6.98 -9.97
N THR B 91 8.31 -5.75 -10.06
CA THR B 91 7.51 -4.62 -10.55
C THR B 91 6.99 -4.88 -11.97
N ALA B 92 5.69 -4.80 -12.16
CA ALA B 92 5.14 -5.19 -13.46
C ALA B 92 3.64 -4.98 -13.44
N ILE B 93 3.03 -5.07 -14.63
CA ILE B 93 1.58 -5.22 -14.75
C ILE B 93 1.30 -6.71 -14.70
N TYR B 94 0.42 -7.13 -13.79
CA TYR B 94 0.08 -8.54 -13.65
C TYR B 94 -1.26 -8.85 -14.28
N TYR B 95 -1.29 -9.87 -15.15
CA TYR B 95 -2.50 -10.29 -15.83
C TYR B 95 -2.86 -11.70 -15.39
N CYS B 96 -4.15 -11.94 -15.28
CA CYS B 96 -4.61 -13.32 -15.24
CA CYS B 96 -4.69 -13.29 -15.22
C CYS B 96 -5.08 -13.71 -16.64
N ALA B 97 -4.70 -14.93 -17.02
CA ALA B 97 -4.95 -15.38 -18.38
C ALA B 97 -5.45 -16.81 -18.38
N ARG B 98 -6.44 -17.06 -19.23
CA ARG B 98 -7.04 -18.39 -19.37
C ARG B 98 -6.28 -19.14 -20.47
N LYS B 99 -5.90 -20.39 -20.19
CA LYS B 99 -5.41 -21.29 -21.24
C LYS B 99 -6.61 -21.97 -21.90
N GLY B 100 -6.75 -21.83 -23.21
CA GLY B 100 -7.94 -22.37 -23.85
C GLY B 100 -7.99 -22.01 -25.33
N SER B 101 -8.99 -22.55 -25.98
CA SER B 101 -9.24 -22.26 -27.39
C SER B 101 -10.71 -22.58 -27.65
N ASP B 102 -11.17 -22.29 -28.87
CA ASP B 102 -12.54 -22.61 -29.20
C ASP B 102 -12.82 -24.09 -28.95
N ARG B 103 -11.84 -24.93 -29.20
CA ARG B 103 -11.94 -26.38 -28.98
C ARG B 103 -10.79 -26.80 -28.09
N LEU B 104 -11.11 -27.19 -26.84
CA LEU B 104 -10.08 -27.48 -25.86
C LEU B 104 -9.24 -28.69 -26.23
N SER B 105 -7.93 -28.57 -26.04
CA SER B 105 -7.02 -29.68 -26.25
C SER B 105 -6.09 -29.77 -25.04
N ASP B 106 -5.13 -30.70 -25.10
CA ASP B 106 -4.15 -30.88 -24.03
C ASP B 106 -3.14 -29.73 -23.92
N ASN B 107 -3.04 -28.87 -24.95
CA ASN B 107 -2.06 -27.78 -24.90
C ASN B 107 -2.56 -26.64 -25.79
N ASP B 108 -3.20 -25.65 -25.17
CA ASP B 108 -3.78 -24.50 -25.85
C ASP B 108 -3.04 -23.21 -25.50
N PRO B 109 -3.19 -22.18 -26.34
CA PRO B 109 -2.59 -20.88 -26.02
C PRO B 109 -3.39 -20.13 -24.96
N PHE B 110 -3.05 -18.87 -24.67
CA PHE B 110 -3.81 -18.06 -23.68
C PHE B 110 -4.81 -17.22 -24.46
N ASP B 111 -6.05 -17.67 -24.51
CA ASP B 111 -7.00 -17.03 -25.40
C ASP B 111 -7.78 -15.90 -24.76
N ALA B 112 -7.64 -15.68 -23.45
CA ALA B 112 -8.40 -14.62 -22.81
C ALA B 112 -7.57 -14.05 -21.67
N TRP B 113 -7.53 -12.72 -21.58
CA TRP B 113 -6.65 -12.01 -20.64
C TRP B 113 -7.43 -10.94 -19.92
N GLY B 114 -7.12 -10.73 -18.64
CA GLY B 114 -7.61 -9.58 -17.94
C GLY B 114 -6.86 -8.31 -18.36
N PRO B 115 -7.38 -7.14 -17.96
CA PRO B 115 -6.73 -5.88 -18.36
C PRO B 115 -5.42 -5.61 -17.64
N GLY B 116 -5.12 -6.30 -16.54
CA GLY B 116 -3.87 -6.11 -15.83
C GLY B 116 -4.02 -5.21 -14.61
N THR B 117 -3.21 -5.49 -13.59
CA THR B 117 -3.13 -4.64 -12.41
C THR B 117 -1.67 -4.29 -12.17
N VAL B 118 -1.41 -3.01 -11.86
CA VAL B 118 -0.05 -2.55 -11.70
C VAL B 118 0.44 -2.89 -10.28
N VAL B 119 1.63 -3.48 -10.21
CA VAL B 119 2.29 -3.80 -8.95
C VAL B 119 3.66 -3.15 -8.97
N THR B 120 3.95 -2.33 -7.99
CA THR B 120 5.21 -1.58 -7.94
C THR B 120 5.91 -1.89 -6.62
N VAL B 121 7.14 -2.40 -6.69
CA VAL B 121 7.93 -2.75 -5.51
C VAL B 121 9.03 -1.72 -5.36
N SER B 122 9.05 -1.02 -4.21
CA SER B 122 10.08 -0.01 -4.01
C SER B 122 11.34 -0.65 -3.47
N PRO B 123 12.51 -0.07 -3.78
CA PRO B 123 13.76 -0.79 -3.52
C PRO B 123 14.13 -0.92 -2.05
N ALA B 124 13.75 0.04 -1.20
CA ALA B 124 14.17 0.01 0.19
C ALA B 124 13.24 -0.91 0.99
N SER B 125 13.82 -1.92 1.62
CA SER B 125 13.06 -2.78 2.51
C SER B 125 13.04 -2.23 3.93
N THR B 126 13.90 -1.26 4.24
CA THR B 126 13.96 -0.65 5.56
C THR B 126 14.27 0.82 5.44
N LYS B 127 14.09 1.53 6.55
CA LYS B 127 14.44 2.93 6.63
C LYS B 127 14.65 3.29 8.10
N GLY B 128 15.79 3.91 8.40
CA GLY B 128 16.09 4.35 9.74
C GLY B 128 15.33 5.62 10.10
N PRO B 129 15.14 5.84 11.39
CA PRO B 129 14.38 7.01 11.84
C PRO B 129 15.21 8.28 11.86
N SER B 130 14.52 9.40 11.69
CA SER B 130 15.01 10.70 12.14
C SER B 130 14.67 10.85 13.62
N VAL B 131 15.60 11.40 14.40
CA VAL B 131 15.42 11.58 15.83
C VAL B 131 15.49 13.07 16.15
N PHE B 132 14.42 13.61 16.70
CA PHE B 132 14.32 15.01 17.05
C PHE B 132 14.10 15.17 18.55
N PRO B 133 14.62 16.24 19.14
CA PRO B 133 14.44 16.44 20.58
C PRO B 133 13.07 16.99 20.90
N LEU B 134 12.52 16.50 22.02
CA LEU B 134 11.35 17.10 22.66
C LEU B 134 11.91 17.92 23.83
N ALA B 135 12.08 19.23 23.60
CA ALA B 135 12.87 20.04 24.51
C ALA B 135 12.08 20.40 25.76
N PRO B 136 12.71 20.35 26.96
CA PRO B 136 12.03 20.70 28.21
C PRO B 136 11.63 22.18 28.15
N SER B 137 10.40 22.48 28.57
CA SER B 137 9.85 23.87 28.56
C SER B 137 10.83 24.83 29.26
N GLY B 144 8.34 21.99 39.57
CA GLY B 144 9.44 21.22 40.10
C GLY B 144 9.83 20.04 39.23
N THR B 145 8.90 19.59 38.37
CA THR B 145 9.12 18.45 37.49
C THR B 145 9.06 18.94 36.05
N ALA B 146 10.02 18.50 35.23
CA ALA B 146 10.05 18.82 33.81
C ALA B 146 9.94 17.56 32.98
N ALA B 147 9.41 17.71 31.77
CA ALA B 147 9.30 16.61 30.83
C ALA B 147 10.17 16.90 29.61
N LEU B 148 10.91 15.89 29.17
CA LEU B 148 11.65 15.97 27.92
C LEU B 148 11.53 14.65 27.18
N GLY B 149 11.95 14.62 25.92
CA GLY B 149 11.91 13.35 25.23
C GLY B 149 12.52 13.45 23.86
N CYS B 150 12.33 12.37 23.11
CA CYS B 150 12.78 12.25 21.73
C CYS B 150 11.62 11.83 20.86
N LEU B 151 11.55 12.41 19.68
CA LEU B 151 10.59 12.01 18.65
C LEU B 151 11.35 11.19 17.61
N VAL B 152 10.93 9.93 17.42
CA VAL B 152 11.56 9.00 16.50
C VAL B 152 10.60 8.85 15.33
N LYS B 153 10.88 9.52 14.21
CA LYS B 153 9.88 9.70 13.16
C LYS B 153 10.33 9.04 11.85
N ASP B 154 9.36 8.49 11.13
CA ASP B 154 9.51 8.05 9.73
C ASP B 154 10.51 6.91 9.57
N TYR B 155 10.17 5.76 10.16
CA TYR B 155 10.99 4.56 10.05
C TYR B 155 10.12 3.37 9.68
N PHE B 156 10.79 2.32 9.22
CA PHE B 156 10.17 1.11 8.70
C PHE B 156 11.20 0.00 8.58
N PRO B 157 10.86 -1.24 8.98
CA PRO B 157 9.65 -1.60 9.69
C PRO B 157 9.85 -1.46 11.21
N GLU B 158 8.85 -1.87 12.01
CA GLU B 158 9.07 -1.97 13.45
C GLU B 158 10.04 -3.11 13.75
N PRO B 159 10.65 -3.11 14.95
CA PRO B 159 10.46 -2.09 15.98
C PRO B 159 11.66 -1.18 16.17
N VAL B 160 11.48 -0.14 17.00
CA VAL B 160 12.59 0.67 17.49
C VAL B 160 12.64 0.51 19.00
N THR B 161 13.85 0.50 19.56
CA THR B 161 14.05 0.55 21.00
C THR B 161 14.66 1.88 21.39
N VAL B 162 14.29 2.37 22.58
CA VAL B 162 14.82 3.62 23.08
C VAL B 162 15.26 3.41 24.52
N SER B 163 16.46 3.86 24.84
CA SER B 163 16.93 3.98 26.21
C SER B 163 17.37 5.41 26.44
N TRP B 164 17.62 5.74 27.70
CA TRP B 164 18.06 7.08 28.08
C TRP B 164 19.36 6.95 28.87
N ASN B 165 20.35 7.77 28.51
CA ASN B 165 21.66 7.75 29.15
C ASN B 165 22.20 6.33 29.23
N SER B 166 22.15 5.64 28.09
CA SER B 166 22.70 4.29 27.94
C SER B 166 22.12 3.33 28.98
N GLY B 167 20.90 3.58 29.42
CA GLY B 167 20.24 2.71 30.38
C GLY B 167 20.37 3.14 31.81
N ALA B 168 21.11 4.20 32.08
CA ALA B 168 21.23 4.67 33.46
C ALA B 168 19.99 5.42 33.92
N LEU B 169 19.22 6.00 33.00
CA LEU B 169 18.00 6.71 33.34
C LEU B 169 16.81 5.83 32.96
N THR B 170 16.14 5.27 33.96
CA THR B 170 14.95 4.45 33.72
C THR B 170 13.70 5.01 34.37
N SER B 171 13.83 5.56 35.58
CA SER B 171 12.68 6.08 36.29
C SER B 171 11.99 7.18 35.49
N GLY B 172 10.67 7.11 35.40
CA GLY B 172 9.94 8.18 34.75
C GLY B 172 9.92 8.11 33.24
N VAL B 173 10.45 7.05 32.64
CA VAL B 173 10.53 6.94 31.19
C VAL B 173 9.25 6.27 30.68
N HIS B 174 8.68 6.85 29.61
CA HIS B 174 7.58 6.24 28.88
C HIS B 174 7.95 6.23 27.40
N THR B 175 8.06 5.05 26.81
CA THR B 175 8.17 4.93 25.35
C THR B 175 6.85 4.43 24.78
N PHE B 176 6.26 5.22 23.90
CA PHE B 176 4.89 5.00 23.44
C PHE B 176 4.85 3.97 22.33
N PRO B 177 3.70 3.29 22.16
CA PRO B 177 3.54 2.45 20.96
C PRO B 177 3.69 3.30 19.71
N ALA B 178 4.29 2.71 18.68
CA ALA B 178 4.39 3.37 17.40
C ALA B 178 3.00 3.57 16.80
N VAL B 179 2.87 4.60 15.97
CA VAL B 179 1.66 4.81 15.17
C VAL B 179 2.04 4.67 13.71
N LEU B 180 1.15 4.11 12.93
CA LEU B 180 1.34 4.04 11.49
C LEU B 180 0.83 5.36 10.92
N GLN B 181 1.72 6.14 10.33
CA GLN B 181 1.34 7.41 9.74
C GLN B 181 0.70 7.18 8.36
N SER B 182 -0.07 8.17 7.90
CA SER B 182 -0.71 8.03 6.60
C SER B 182 0.30 7.84 5.47
N SER B 183 1.58 8.09 5.70
CA SER B 183 2.64 7.89 4.73
C SER B 183 3.10 6.44 4.65
N GLY B 184 2.61 5.56 5.51
CA GLY B 184 3.14 4.21 5.59
C GLY B 184 4.40 4.05 6.41
N LEU B 185 4.88 5.11 7.05
CA LEU B 185 6.04 5.06 7.92
C LEU B 185 5.55 5.14 9.36
N TYR B 186 6.33 4.56 10.25
CA TYR B 186 6.01 4.54 11.68
C TYR B 186 6.66 5.74 12.38
N SER B 187 6.08 6.10 13.53
CA SER B 187 6.61 7.19 14.36
C SER B 187 6.26 6.88 15.81
N LEU B 188 7.18 7.18 16.73
CA LEU B 188 6.90 7.03 18.16
C LEU B 188 7.65 8.10 18.93
N SER B 189 7.19 8.35 20.16
CA SER B 189 7.87 9.26 21.07
C SER B 189 8.30 8.50 22.31
N SER B 190 9.42 8.94 22.90
CA SER B 190 9.85 8.44 24.20
C SER B 190 10.07 9.67 25.06
N VAL B 191 9.47 9.68 26.25
CA VAL B 191 9.55 10.84 27.13
C VAL B 191 10.04 10.41 28.50
N VAL B 192 10.48 11.39 29.27
CA VAL B 192 10.90 11.15 30.65
C VAL B 192 10.67 12.43 31.45
N THR B 193 10.24 12.28 32.69
CA THR B 193 10.11 13.43 33.58
C THR B 193 11.27 13.42 34.57
N VAL B 194 11.83 14.60 34.82
CA VAL B 194 12.99 14.72 35.69
C VAL B 194 12.84 15.96 36.56
N PRO B 195 13.63 16.07 37.62
CA PRO B 195 13.59 17.29 38.42
C PRO B 195 14.00 18.49 37.59
N SER B 196 13.21 19.57 37.69
CA SER B 196 13.53 20.77 36.92
C SER B 196 14.89 21.33 37.26
N SER B 197 15.36 21.14 38.50
CA SER B 197 16.64 21.69 38.91
C SER B 197 17.80 21.06 38.13
N SER B 198 17.60 19.86 37.60
CA SER B 198 18.68 19.16 36.92
C SER B 198 18.84 19.57 35.47
N LEU B 199 17.96 20.43 34.94
CA LEU B 199 18.06 20.77 33.53
C LEU B 199 19.35 21.51 33.22
N GLY B 200 19.95 22.16 34.20
CA GLY B 200 21.18 22.89 33.97
C GLY B 200 22.41 22.02 34.07
N THR B 201 22.39 21.03 34.97
CA THR B 201 23.57 20.22 35.24
C THR B 201 23.58 18.92 34.44
N GLN B 202 22.52 18.13 34.54
CA GLN B 202 22.49 16.80 33.95
C GLN B 202 22.28 16.88 32.44
N THR B 203 23.05 16.07 31.70
CA THR B 203 22.84 15.90 30.28
C THR B 203 21.93 14.69 30.03
N TYR B 204 21.00 14.84 29.10
CA TYR B 204 20.03 13.80 28.80
C TYR B 204 20.16 13.41 27.34
N ILE B 205 20.47 12.15 27.11
CA ILE B 205 20.66 11.59 25.77
C ILE B 205 19.75 10.39 25.62
N CYS B 206 18.95 10.37 24.55
CA CYS B 206 18.13 9.21 24.22
C CYS B 206 18.87 8.38 23.18
N ASN B 207 18.96 7.07 23.43
CA ASN B 207 19.65 6.15 22.55
C ASN B 207 18.62 5.35 21.74
N VAL B 208 18.49 5.69 20.46
CA VAL B 208 17.50 5.06 19.57
C VAL B 208 18.19 3.99 18.73
N ASN B 209 17.70 2.77 18.79
CA ASN B 209 18.24 1.66 18.00
C ASN B 209 17.15 1.09 17.10
N HIS B 210 17.45 0.98 15.80
CA HIS B 210 16.54 0.39 14.82
C HIS B 210 17.29 -0.74 14.12
N LYS B 211 17.16 -1.95 14.67
CA LYS B 211 17.94 -3.06 14.17
C LYS B 211 17.66 -3.39 12.71
N PRO B 212 16.41 -3.34 12.22
CA PRO B 212 16.17 -3.66 10.79
C PRO B 212 17.03 -2.87 9.82
N SER B 213 17.21 -1.57 10.03
CA SER B 213 18.02 -0.75 9.15
C SER B 213 19.44 -0.59 9.66
N ASN B 214 19.79 -1.32 10.72
CA ASN B 214 21.10 -1.24 11.35
C ASN B 214 21.48 0.22 11.66
N THR B 215 20.53 0.98 12.21
CA THR B 215 20.72 2.38 12.53
C THR B 215 20.72 2.57 14.05
N LYS B 216 21.69 3.35 14.54
CA LYS B 216 21.74 3.77 15.94
C LYS B 216 21.89 5.29 15.95
N VAL B 217 21.13 5.96 16.81
CA VAL B 217 21.21 7.40 16.93
C VAL B 217 21.21 7.76 18.41
N ASP B 218 22.16 8.60 18.81
CA ASP B 218 22.19 9.19 20.15
C ASP B 218 21.93 10.68 19.99
N LYS B 219 20.83 11.16 20.57
CA LYS B 219 20.46 12.56 20.47
C LYS B 219 20.49 13.17 21.87
N LYS B 220 21.19 14.29 22.00
CA LYS B 220 21.23 15.01 23.25
C LYS B 220 20.04 15.97 23.26
N VAL B 221 19.26 15.92 24.35
CA VAL B 221 18.11 16.80 24.51
C VAL B 221 18.45 17.81 25.60
N GLU B 222 18.37 19.09 25.27
CA GLU B 222 18.74 20.16 26.18
C GLU B 222 17.75 21.29 26.00
N PRO B 223 17.66 22.20 26.96
CA PRO B 223 16.76 23.35 26.79
C PRO B 223 17.12 24.12 25.53
N LYS B 224 16.10 24.72 24.93
CA LYS B 224 16.28 25.44 23.66
C LYS B 224 16.96 26.79 23.87
N ASP C 1 -30.76 -11.38 15.43
CA ASP C 1 -29.44 -11.96 15.63
C ASP C 1 -29.10 -11.92 17.12
N VAL C 2 -28.23 -12.82 17.57
CA VAL C 2 -27.81 -12.80 18.97
C VAL C 2 -26.86 -11.63 19.18
N VAL C 3 -27.11 -10.84 20.22
CA VAL C 3 -26.18 -9.80 20.65
C VAL C 3 -25.63 -10.19 22.01
N MET C 4 -24.31 -10.13 22.17
CA MET C 4 -23.65 -10.44 23.42
C MET C 4 -23.17 -9.15 24.07
N THR C 5 -23.41 -9.01 25.36
CA THR C 5 -23.01 -7.82 26.12
C THR C 5 -22.24 -8.25 27.36
N GLN C 6 -21.03 -7.71 27.53
CA GLN C 6 -20.21 -7.98 28.69
C GLN C 6 -20.37 -6.89 29.75
N SER C 7 -20.20 -7.26 31.03
CA SER C 7 -20.27 -6.31 32.10
CA SER C 7 -20.31 -6.33 32.14
C SER C 7 -19.23 -6.74 33.14
N PRO C 8 -18.38 -5.80 33.59
CA PRO C 8 -18.28 -4.40 33.15
C PRO C 8 -17.42 -4.31 31.90
N SER C 9 -17.30 -3.12 31.32
CA SER C 9 -16.36 -2.91 30.20
C SER C 9 -14.91 -2.81 30.67
N THR C 10 -14.66 -2.17 31.83
CA THR C 10 -13.35 -2.14 32.44
C THR C 10 -13.52 -2.62 33.87
N LEU C 11 -12.75 -3.61 34.26
CA LEU C 11 -12.82 -4.16 35.62
C LEU C 11 -11.48 -3.88 36.29
N SER C 12 -11.49 -3.13 37.40
CA SER C 12 -10.27 -2.73 38.07
C SER C 12 -10.17 -3.55 39.35
N ALA C 13 -9.02 -4.19 39.56
CA ALA C 13 -8.87 -5.04 40.74
C ALA C 13 -7.41 -5.09 41.15
N SER C 14 -7.14 -5.68 42.33
CA SER C 14 -5.79 -5.87 42.83
C SER C 14 -5.31 -7.30 42.60
N VAL C 15 -3.98 -7.44 42.54
CA VAL C 15 -3.43 -8.79 42.43
C VAL C 15 -3.93 -9.65 43.59
N GLY C 16 -4.28 -10.88 43.26
CA GLY C 16 -4.80 -11.84 44.20
C GLY C 16 -6.30 -11.85 44.34
N ASP C 17 -7.00 -10.88 43.75
CA ASP C 17 -8.45 -10.83 43.90
C ASP C 17 -9.14 -11.96 43.17
N THR C 18 -10.35 -12.27 43.61
CA THR C 18 -11.28 -13.07 42.83
C THR C 18 -12.26 -12.14 42.14
N ILE C 19 -12.34 -12.21 40.81
CA ILE C 19 -13.17 -11.28 40.06
C ILE C 19 -14.10 -12.09 39.18
N THR C 20 -15.24 -11.47 38.81
CA THR C 20 -16.20 -12.09 37.90
C THR C 20 -16.52 -11.14 36.76
N ILE C 21 -16.55 -11.69 35.55
CA ILE C 21 -17.00 -10.93 34.40
C ILE C 21 -18.29 -11.59 33.94
N THR C 22 -19.29 -10.76 33.63
CA THR C 22 -20.59 -11.27 33.21
C THR C 22 -20.76 -11.10 31.71
N CYS C 23 -21.41 -12.06 31.08
CA CYS C 23 -21.72 -11.97 29.64
C CYS C 23 -23.18 -12.36 29.47
N ARG C 24 -23.93 -11.51 28.78
CA ARG C 24 -25.36 -11.71 28.56
C ARG C 24 -25.68 -11.83 27.09
N ALA C 25 -26.48 -12.84 26.73
CA ALA C 25 -26.96 -13.04 25.37
C ALA C 25 -28.39 -12.51 25.25
N SER C 26 -28.69 -11.87 24.10
CA SER C 26 -30.02 -11.29 23.88
C SER C 26 -31.11 -12.34 23.73
N GLN C 27 -30.75 -13.60 23.47
CA GLN C 27 -31.67 -14.74 23.45
C GLN C 27 -30.89 -15.96 23.87
N SER C 28 -31.59 -17.04 24.20
CA SER C 28 -30.94 -18.22 24.72
C SER C 28 -29.96 -18.82 23.72
N ILE C 29 -28.78 -19.18 24.21
CA ILE C 29 -27.77 -19.83 23.39
C ILE C 29 -27.33 -21.11 24.07
N GLU C 30 -28.18 -21.67 24.95
CA GLU C 30 -27.85 -22.91 25.66
C GLU C 30 -26.50 -22.73 26.38
N THR C 31 -25.52 -23.58 26.10
CA THR C 31 -24.18 -23.37 26.65
C THR C 31 -23.14 -23.13 25.55
N TRP C 32 -23.57 -22.63 24.39
CA TRP C 32 -22.63 -22.39 23.28
C TRP C 32 -21.92 -21.04 23.45
N LEU C 33 -21.05 -20.98 24.46
CA LEU C 33 -20.38 -19.73 24.85
C LEU C 33 -18.92 -20.03 25.13
N ALA C 34 -18.03 -19.18 24.62
CA ALA C 34 -16.59 -19.37 24.86
C ALA C 34 -16.03 -18.06 25.40
N TRP C 35 -14.91 -18.17 26.10
CA TRP C 35 -14.20 -17.06 26.71
C TRP C 35 -12.77 -17.08 26.21
N TYR C 36 -12.30 -15.90 25.76
CA TYR C 36 -10.93 -15.72 25.25
C TYR C 36 -10.23 -14.66 26.07
N GLN C 37 -8.92 -14.85 26.21
CA GLN C 37 -8.02 -13.83 26.75
C GLN C 37 -7.22 -13.22 25.60
N GLN C 38 -6.95 -11.92 25.70
CA GLN C 38 -6.15 -11.30 24.66
C GLN C 38 -5.31 -10.17 25.24
N LYS C 39 -4.05 -10.21 25.00
CA LYS C 39 -3.09 -9.17 25.37
C LYS C 39 -2.84 -8.25 24.20
N PRO C 40 -2.47 -7.00 24.47
CA PRO C 40 -2.33 -6.01 23.38
C PRO C 40 -1.34 -6.48 22.34
N GLY C 41 -1.76 -6.42 21.07
CA GLY C 41 -0.93 -6.81 19.95
C GLY C 41 -0.77 -8.31 19.76
N LYS C 42 -1.46 -9.13 20.53
CA LYS C 42 -1.33 -10.58 20.45
C LYS C 42 -2.63 -11.19 19.95
N ALA C 43 -2.59 -12.50 19.73
CA ALA C 43 -3.77 -13.22 19.26
C ALA C 43 -4.67 -13.54 20.46
N PRO C 44 -5.98 -13.60 20.28
CA PRO C 44 -6.84 -14.18 21.31
C PRO C 44 -6.43 -15.63 21.60
N LYS C 45 -6.63 -16.05 22.87
CA LYS C 45 -6.37 -17.41 23.32
C LYS C 45 -7.63 -17.95 23.97
N LEU C 46 -8.04 -19.13 23.52
CA LEU C 46 -9.24 -19.77 24.09
C LEU C 46 -8.98 -20.19 25.52
N LEU C 47 -9.87 -19.81 26.43
CA LEU C 47 -9.78 -20.23 27.84
C LEU C 47 -10.78 -21.32 28.18
N ILE C 48 -12.04 -21.07 27.89
CA ILE C 48 -13.18 -21.87 28.30
C ILE C 48 -14.17 -21.93 27.14
N TYR C 49 -14.83 -23.09 26.99
CA TYR C 49 -15.85 -23.23 25.96
C TYR C 49 -16.96 -24.12 26.48
N LYS C 50 -18.02 -24.20 25.70
CA LYS C 50 -19.29 -24.78 26.15
C LYS C 50 -19.59 -24.29 27.56
N ALA C 51 -19.41 -22.99 27.78
CA ALA C 51 -19.74 -22.29 29.03
C ALA C 51 -18.79 -22.63 30.19
N SER C 52 -18.41 -23.90 30.37
CA SER C 52 -17.67 -24.27 31.59
C SER C 52 -16.49 -25.22 31.37
N THR C 53 -16.19 -25.63 30.15
CA THR C 53 -15.09 -26.56 29.92
C THR C 53 -13.79 -25.79 29.80
N LEU C 54 -12.83 -26.09 30.67
CA LEU C 54 -11.53 -25.46 30.62
C LEU C 54 -10.70 -26.07 29.49
N LYS C 55 -10.12 -25.24 28.63
CA LYS C 55 -9.23 -25.76 27.60
C LYS C 55 -8.00 -26.37 28.26
N THR C 56 -7.56 -27.52 27.75
CA THR C 56 -6.41 -28.19 28.36
C THR C 56 -5.23 -27.24 28.40
N GLY C 57 -4.57 -27.19 29.56
CA GLY C 57 -3.43 -26.32 29.74
C GLY C 57 -3.74 -24.96 30.33
N VAL C 58 -5.00 -24.55 30.32
CA VAL C 58 -5.38 -23.27 30.94
C VAL C 58 -5.39 -23.43 32.45
N PRO C 59 -4.84 -22.48 33.20
CA PRO C 59 -4.75 -22.64 34.66
C PRO C 59 -6.12 -22.76 35.32
N SER C 60 -6.15 -23.50 36.44
CA SER C 60 -7.41 -23.81 37.12
C SER C 60 -8.07 -22.61 37.79
N ARG C 61 -7.34 -21.50 37.98
CA ARG C 61 -8.02 -20.34 38.55
C ARG C 61 -9.06 -19.72 37.59
N PHE C 62 -9.08 -20.12 36.34
CA PHE C 62 -10.13 -19.67 35.42
C PHE C 62 -11.30 -20.65 35.46
N SER C 63 -12.52 -20.15 35.57
CA SER C 63 -13.67 -21.03 35.51
C SER C 63 -14.83 -20.26 34.90
N GLY C 64 -15.77 -21.00 34.34
CA GLY C 64 -16.92 -20.38 33.70
C GLY C 64 -18.17 -21.12 34.12
N SER C 65 -19.28 -20.41 34.13
CA SER C 65 -20.57 -21.01 34.45
C SER C 65 -21.67 -20.27 33.70
N GLY C 66 -22.87 -20.80 33.83
CA GLY C 66 -24.02 -20.18 33.19
C GLY C 66 -24.59 -21.05 32.07
N SER C 67 -25.81 -20.70 31.68
CA SER C 67 -26.50 -21.29 30.55
C SER C 67 -27.65 -20.38 30.20
N GLY C 68 -28.18 -20.54 29.00
CA GLY C 68 -29.28 -19.71 28.55
C GLY C 68 -28.85 -18.36 28.05
N THR C 69 -29.00 -17.33 28.89
CA THR C 69 -28.64 -15.96 28.53
C THR C 69 -27.62 -15.32 29.46
N GLU C 70 -27.25 -15.96 30.56
CA GLU C 70 -26.42 -15.34 31.59
C GLU C 70 -25.19 -16.20 31.85
N PHE C 71 -23.99 -15.65 31.62
CA PHE C 71 -22.75 -16.42 31.76
C PHE C 71 -21.74 -15.60 32.56
N THR C 72 -20.82 -16.29 33.23
CA THR C 72 -19.80 -15.62 34.04
C THR C 72 -18.45 -16.30 33.85
N LEU C 73 -17.42 -15.48 33.78
CA LEU C 73 -16.05 -15.92 33.83
C LEU C 73 -15.53 -15.48 35.18
N THR C 74 -14.97 -16.43 35.96
CA THR C 74 -14.41 -16.11 37.27
C THR C 74 -12.91 -16.36 37.25
N ILE C 75 -12.14 -15.41 37.78
CA ILE C 75 -10.72 -15.60 37.91
C ILE C 75 -10.43 -15.58 39.42
N SER C 76 -10.07 -16.74 39.95
CA SER C 76 -9.94 -16.91 41.41
C SER C 76 -8.48 -16.76 41.79
N GLY C 77 -8.10 -15.53 42.13
CA GLY C 77 -6.73 -15.20 42.46
C GLY C 77 -5.96 -14.58 41.31
N LEU C 78 -6.25 -13.32 40.96
CA LEU C 78 -5.58 -12.68 39.82
C LEU C 78 -4.07 -12.66 40.01
N GLN C 79 -3.36 -13.09 38.98
CA GLN C 79 -1.92 -12.92 38.86
C GLN C 79 -1.62 -11.82 37.86
N PHE C 80 -0.38 -11.31 37.92
CA PHE C 80 -0.05 -10.19 37.06
C PHE C 80 -0.26 -10.53 35.59
N ASP C 81 -0.06 -11.80 35.23
CA ASP C 81 -0.24 -12.23 33.84
C ASP C 81 -1.69 -12.15 33.37
N ASP C 82 -2.65 -12.04 34.30
CA ASP C 82 -4.08 -12.07 33.99
C ASP C 82 -4.66 -10.69 33.65
N PHE C 83 -3.92 -9.61 33.87
CA PHE C 83 -4.43 -8.31 33.45
C PHE C 83 -4.32 -8.21 31.95
N ALA C 84 -5.48 -8.11 31.30
CA ALA C 84 -5.66 -8.34 29.87
C ALA C 84 -7.10 -8.03 29.48
N THR C 85 -7.43 -8.18 28.22
CA THR C 85 -8.82 -8.12 27.79
C THR C 85 -9.38 -9.53 27.71
N TYR C 86 -10.64 -9.69 28.10
CA TYR C 86 -11.34 -10.97 28.04
C TYR C 86 -12.56 -10.77 27.16
N HIS C 87 -12.79 -11.70 26.23
CA HIS C 87 -13.86 -11.62 25.26
C HIS C 87 -14.77 -12.83 25.41
N CYS C 88 -16.08 -12.61 25.41
CA CYS C 88 -16.98 -13.75 25.33
C CYS C 88 -17.49 -13.87 23.90
N GLN C 89 -17.91 -15.09 23.55
CA GLN C 89 -18.25 -15.40 22.16
C GLN C 89 -19.36 -16.44 22.14
N HIS C 90 -20.45 -16.14 21.41
CA HIS C 90 -21.41 -17.17 21.04
C HIS C 90 -20.97 -17.74 19.69
N TYR C 91 -20.83 -19.05 19.61
CA TYR C 91 -20.41 -19.69 18.36
C TYR C 91 -21.50 -20.66 17.91
N ALA C 92 -21.94 -20.50 16.66
CA ALA C 92 -22.97 -21.36 16.05
C ALA C 92 -22.37 -22.14 14.88
N GLY C 93 -23.24 -22.83 14.12
CA GLY C 93 -22.75 -23.72 13.08
C GLY C 93 -21.93 -23.01 12.01
N TYR C 94 -22.30 -21.80 11.65
CA TYR C 94 -21.62 -21.11 10.56
C TYR C 94 -20.98 -19.80 10.99
N SER C 95 -21.55 -19.09 11.95
CA SER C 95 -21.03 -17.78 12.33
C SER C 95 -20.82 -17.75 13.83
N ALA C 96 -20.29 -16.62 14.31
CA ALA C 96 -20.13 -16.38 15.73
C ALA C 96 -20.33 -14.89 15.98
N THR C 97 -20.49 -14.53 17.24
CA THR C 97 -20.62 -13.13 17.58
C THR C 97 -19.96 -12.93 18.94
N PHE C 98 -19.30 -11.79 19.13
CA PHE C 98 -18.53 -11.55 20.35
C PHE C 98 -19.17 -10.45 21.19
N GLY C 99 -18.93 -10.50 22.51
CA GLY C 99 -19.15 -9.33 23.32
C GLY C 99 -18.16 -8.22 22.95
N GLN C 100 -18.26 -7.10 23.67
CA GLN C 100 -17.42 -5.95 23.36
C GLN C 100 -16.03 -6.01 24.00
N GLY C 101 -15.76 -7.01 24.81
CA GLY C 101 -14.51 -7.15 25.54
C GLY C 101 -14.57 -6.46 26.89
N THR C 102 -13.85 -7.03 27.85
CA THR C 102 -13.70 -6.47 29.19
C THR C 102 -12.21 -6.33 29.47
N ARG C 103 -11.75 -5.11 29.75
CA ARG C 103 -10.34 -4.90 30.07
C ARG C 103 -10.19 -5.04 31.58
N VAL C 104 -9.34 -5.96 32.02
CA VAL C 104 -9.07 -6.14 33.46
C VAL C 104 -7.75 -5.44 33.74
N GLU C 105 -7.79 -4.43 34.64
CA GLU C 105 -6.64 -3.57 34.89
C GLU C 105 -6.37 -3.56 36.39
N ILE C 106 -5.19 -3.09 36.74
CA ILE C 106 -4.79 -2.97 38.15
C ILE C 106 -5.43 -1.72 38.71
N LYS C 107 -6.14 -1.86 39.83
CA LYS C 107 -6.81 -0.70 40.40
C LYS C 107 -5.83 0.18 41.17
N ARG C 108 -6.02 1.48 41.04
CA ARG C 108 -5.28 2.50 41.79
C ARG C 108 -6.21 3.70 41.94
N THR C 109 -5.74 4.73 42.66
CA THR C 109 -6.55 5.94 42.84
C THR C 109 -6.61 6.75 41.55
N VAL C 110 -7.64 7.62 41.48
CA VAL C 110 -7.74 8.50 40.31
C VAL C 110 -6.55 9.46 40.28
N ALA C 111 -5.99 9.67 39.09
CA ALA C 111 -4.86 10.56 38.89
C ALA C 111 -5.12 11.41 37.65
N ALA C 112 -5.09 12.73 37.83
CA ALA C 112 -5.26 13.64 36.69
C ALA C 112 -4.00 13.65 35.84
N PRO C 113 -4.12 13.83 34.53
CA PRO C 113 -2.91 13.94 33.69
C PRO C 113 -2.11 15.19 34.01
N SER C 114 -0.79 15.04 33.99
CA SER C 114 0.13 16.18 33.91
C SER C 114 0.43 16.44 32.45
N VAL C 115 0.19 17.67 31.99
CA VAL C 115 0.14 17.98 30.57
C VAL C 115 1.37 18.79 30.19
N PHE C 116 1.98 18.43 29.06
CA PHE C 116 3.15 19.10 28.52
C PHE C 116 3.00 19.25 27.02
N ILE C 117 3.41 20.40 26.50
CA ILE C 117 3.37 20.64 25.04
C ILE C 117 4.79 20.90 24.55
N PHE C 118 5.13 20.33 23.39
CA PHE C 118 6.44 20.49 22.80
C PHE C 118 6.35 21.06 21.40
N PRO C 119 7.05 22.13 21.09
CA PRO C 119 7.09 22.60 19.71
C PRO C 119 8.00 21.72 18.88
N PRO C 120 7.91 21.84 17.56
CA PRO C 120 8.85 21.13 16.68
C PRO C 120 10.27 21.65 16.87
N SER C 121 11.22 20.72 16.76
CA SER C 121 12.63 21.13 16.79
C SER C 121 12.94 21.93 15.52
N ASP C 122 13.89 22.86 15.65
CA ASP C 122 14.28 23.64 14.48
C ASP C 122 14.80 22.73 13.39
N GLU C 123 15.55 21.69 13.76
CA GLU C 123 16.10 20.77 12.78
C GLU C 123 14.99 20.18 11.92
N GLN C 124 13.99 19.55 12.56
CA GLN C 124 12.87 19.00 11.79
C GLN C 124 12.19 20.07 10.97
N LEU C 125 12.03 21.28 11.52
CA LEU C 125 11.31 22.31 10.81
C LEU C 125 12.01 22.70 9.52
N LYS C 126 13.34 22.65 9.51
CA LYS C 126 14.08 23.05 8.32
C LYS C 126 13.90 22.04 7.19
N SER C 127 13.60 20.77 7.53
CA SER C 127 13.30 19.76 6.52
C SER C 127 11.91 19.93 5.93
N GLY C 128 11.06 20.78 6.51
CA GLY C 128 9.78 21.09 5.92
C GLY C 128 8.57 20.51 6.62
N THR C 129 8.73 19.85 7.77
CA THR C 129 7.62 19.27 8.50
C THR C 129 7.67 19.72 9.95
N ALA C 130 6.50 19.98 10.52
CA ALA C 130 6.38 20.41 11.93
C ALA C 130 5.53 19.39 12.67
N SER C 131 6.13 18.70 13.63
CA SER C 131 5.40 17.82 14.52
C SER C 131 5.30 18.52 15.87
N VAL C 132 4.07 18.80 16.32
CA VAL C 132 3.82 19.37 17.64
C VAL C 132 3.29 18.25 18.54
N VAL C 133 3.91 18.09 19.72
CA VAL C 133 3.62 16.94 20.57
C VAL C 133 3.00 17.41 21.88
N CYS C 134 1.90 16.76 22.28
CA CYS C 134 1.24 16.98 23.56
C CYS C 134 1.36 15.69 24.37
N LEU C 135 1.77 15.82 25.62
CA LEU C 135 1.97 14.67 26.50
C LEU C 135 1.00 14.78 27.67
N LEU C 136 0.24 13.71 27.90
CA LEU C 136 -0.61 13.59 29.09
C LEU C 136 0.03 12.51 29.93
N ASN C 137 0.59 12.90 31.07
CA ASN C 137 1.48 12.00 31.79
C ASN C 137 0.82 11.48 33.05
N ASN C 138 0.86 10.15 33.22
CA ASN C 138 0.61 9.47 34.50
C ASN C 138 -0.80 9.75 35.03
N PHE C 139 -1.80 9.34 34.23
CA PHE C 139 -3.17 9.56 34.63
C PHE C 139 -3.89 8.23 34.78
N TYR C 140 -5.04 8.27 35.47
CA TYR C 140 -5.83 7.07 35.69
C TYR C 140 -7.24 7.51 36.06
N PRO C 141 -8.30 6.92 35.47
CA PRO C 141 -8.31 5.80 34.52
C PRO C 141 -7.93 6.24 33.11
N ARG C 142 -7.98 5.29 32.16
CA ARG C 142 -7.35 5.49 30.85
C ARG C 142 -8.09 6.48 29.96
N GLU C 143 -9.36 6.76 30.23
CA GLU C 143 -10.15 7.61 29.33
C GLU C 143 -9.75 9.08 29.47
N ALA C 144 -9.30 9.69 28.38
CA ALA C 144 -8.98 11.10 28.40
C ALA C 144 -9.27 11.68 27.02
N LYS C 145 -9.44 12.99 26.94
CA LYS C 145 -9.70 13.62 25.63
C LYS C 145 -8.74 14.78 25.43
N VAL C 146 -8.10 14.81 24.26
CA VAL C 146 -7.18 15.89 23.89
C VAL C 146 -7.65 16.50 22.58
N GLN C 147 -7.72 17.83 22.54
CA GLN C 147 -8.03 18.57 21.31
C GLN C 147 -6.95 19.62 21.06
N TRP C 148 -6.62 19.82 19.78
CA TRP C 148 -5.65 20.83 19.39
C TRP C 148 -6.34 22.10 18.90
N LYS C 149 -5.77 23.25 19.24
CA LYS C 149 -6.24 24.54 18.75
C LYS C 149 -5.07 25.32 18.19
N VAL C 150 -5.21 25.83 16.97
CA VAL C 150 -4.18 26.67 16.34
C VAL C 150 -4.78 28.04 16.12
N ASP C 151 -4.20 29.06 16.74
CA ASP C 151 -4.78 30.40 16.76
C ASP C 151 -6.24 30.37 17.23
N ASN C 152 -6.46 29.60 18.30
CA ASN C 152 -7.75 29.44 18.95
C ASN C 152 -8.77 28.76 18.06
N ALA C 153 -8.32 28.15 16.96
CA ALA C 153 -9.20 27.46 16.03
C ALA C 153 -9.15 25.96 16.31
N LEU C 154 -10.29 25.40 16.70
CA LEU C 154 -10.33 23.97 16.99
C LEU C 154 -9.96 23.19 15.74
N GLN C 155 -8.93 22.35 15.87
CA GLN C 155 -8.44 21.52 14.77
C GLN C 155 -9.25 20.24 14.67
N SER C 156 -9.14 19.63 13.49
CA SER C 156 -9.85 18.38 13.23
C SER C 156 -9.11 17.61 12.16
N GLY C 157 -8.80 16.35 12.44
CA GLY C 157 -8.29 15.43 11.45
C GLY C 157 -6.79 15.40 11.21
N ASN C 158 -5.99 16.23 11.89
CA ASN C 158 -4.55 16.32 11.67
C ASN C 158 -3.71 15.84 12.86
N SER C 159 -4.24 14.91 13.66
CA SER C 159 -3.49 14.43 14.83
C SER C 159 -3.65 12.93 14.96
N GLN C 160 -2.65 12.31 15.61
CA GLN C 160 -2.68 10.90 15.97
C GLN C 160 -2.28 10.74 17.44
N GLU C 161 -2.82 9.73 18.10
CA GLU C 161 -2.61 9.49 19.54
C GLU C 161 -2.07 8.08 19.75
N SER C 162 -1.29 7.87 20.83
CA SER C 162 -1.05 6.51 21.32
C SER C 162 -0.95 6.53 22.84
N VAL C 163 -1.23 5.39 23.45
CA VAL C 163 -1.35 5.27 24.90
C VAL C 163 -0.47 4.10 25.38
N THR C 164 0.21 4.29 26.50
CA THR C 164 0.99 3.21 27.08
C THR C 164 0.10 2.23 27.83
N GLU C 165 0.64 1.06 28.12
CA GLU C 165 0.04 0.15 29.06
C GLU C 165 0.28 0.69 30.49
N GLN C 166 -0.40 0.09 31.45
CA GLN C 166 -0.24 0.54 32.84
C GLN C 166 1.23 0.49 33.27
N ASP C 167 1.71 1.59 33.82
CA ASP C 167 3.10 1.70 34.28
C ASP C 167 3.42 0.62 35.31
N SER C 168 4.61 0.02 35.18
CA SER C 168 4.93 -1.13 36.03
C SER C 168 5.06 -0.72 37.49
N LYS C 169 5.39 0.54 37.78
CA LYS C 169 5.53 0.95 39.18
C LYS C 169 4.31 1.66 39.76
N ASP C 170 3.59 2.50 39.00
CA ASP C 170 2.46 3.23 39.60
C ASP C 170 1.12 2.97 38.92
N SER C 171 1.05 2.05 37.96
CA SER C 171 -0.19 1.60 37.31
C SER C 171 -0.93 2.74 36.62
N THR C 172 -0.26 3.83 36.27
CA THR C 172 -0.96 4.87 35.53
C THR C 172 -0.81 4.64 34.03
N TYR C 173 -1.51 5.46 33.27
CA TYR C 173 -1.37 5.51 31.83
C TYR C 173 -0.77 6.83 31.42
N SER C 174 -0.15 6.86 30.22
CA SER C 174 0.30 8.10 29.61
C SER C 174 -0.12 8.08 28.15
N LEU C 175 -0.25 9.28 27.58
CA LEU C 175 -0.80 9.45 26.25
C LEU C 175 -0.02 10.55 25.54
N SER C 176 0.29 10.31 24.27
CA SER C 176 0.92 11.32 23.43
C SER C 176 0.02 11.57 22.24
N SER C 177 -0.11 12.84 21.87
CA SER C 177 -0.84 13.25 20.68
C SER C 177 0.11 14.08 19.83
N THR C 178 0.20 13.76 18.55
CA THR C 178 1.08 14.50 17.65
C THR C 178 0.22 15.17 16.60
N LEU C 179 0.35 16.49 16.52
CA LEU C 179 -0.26 17.32 15.50
C LEU C 179 0.78 17.54 14.42
N THR C 180 0.47 17.14 13.17
CA THR C 180 1.46 17.23 12.10
C THR C 180 1.04 18.27 11.07
N LEU C 181 1.98 19.13 10.70
CA LEU C 181 1.76 20.23 9.78
C LEU C 181 3.00 20.42 8.92
N SER C 182 2.80 20.81 7.66
CA SER C 182 3.95 21.20 6.86
C SER C 182 4.59 22.44 7.46
N LYS C 183 5.89 22.60 7.22
CA LYS C 183 6.57 23.82 7.65
C LYS C 183 5.81 25.05 7.20
N ALA C 184 5.31 25.03 5.97
CA ALA C 184 4.61 26.21 5.46
C ALA C 184 3.37 26.52 6.28
N ASP C 185 2.51 25.52 6.50
CA ASP C 185 1.29 25.76 7.26
C ASP C 185 1.60 26.15 8.70
N TYR C 186 2.66 25.55 9.27
CA TYR C 186 3.00 25.82 10.66
C TYR C 186 3.45 27.28 10.84
N GLU C 187 4.22 27.81 9.90
CA GLU C 187 4.66 29.19 10.03
C GLU C 187 3.57 30.20 9.71
N LYS C 188 2.38 29.71 9.35
CA LYS C 188 1.24 30.58 9.09
C LYS C 188 0.54 31.05 10.37
N HIS C 189 0.77 30.39 11.50
CA HIS C 189 0.03 30.72 12.73
C HIS C 189 0.99 30.86 13.91
N LYS C 190 0.47 31.44 14.98
CA LYS C 190 1.28 31.80 16.15
C LYS C 190 1.06 30.87 17.33
N VAL C 191 -0.17 30.76 17.82
CA VAL C 191 -0.43 30.07 19.08
C VAL C 191 -0.82 28.62 18.82
N TYR C 192 -0.12 27.71 19.49
CA TYR C 192 -0.39 26.29 19.43
C TYR C 192 -0.75 25.79 20.81
N ALA C 193 -1.88 25.08 20.92
CA ALA C 193 -2.39 24.71 22.23
C ALA C 193 -3.02 23.33 22.18
N CYS C 194 -2.83 22.54 23.24
CA CYS C 194 -3.60 21.31 23.40
C CYS C 194 -4.42 21.43 24.67
N GLU C 195 -5.67 20.97 24.59
CA GLU C 195 -6.63 21.10 25.67
C GLU C 195 -7.09 19.72 26.07
N VAL C 196 -7.09 19.46 27.39
CA VAL C 196 -7.24 18.13 27.94
C VAL C 196 -8.40 18.10 28.90
N THR C 197 -9.23 17.06 28.80
CA THR C 197 -10.19 16.74 29.84
C THR C 197 -10.02 15.31 30.33
N HIS C 198 -10.37 15.11 31.59
CA HIS C 198 -10.22 13.86 32.30
C HIS C 198 -11.04 14.02 33.56
N GLN C 199 -11.63 12.91 34.02
CA GLN C 199 -12.50 12.95 35.18
C GLN C 199 -11.75 13.45 36.41
N GLY C 200 -10.45 13.29 36.44
CA GLY C 200 -9.69 13.79 37.56
C GLY C 200 -9.45 15.27 37.57
N LEU C 201 -9.88 15.99 36.53
CA LEU C 201 -9.72 17.44 36.39
C LEU C 201 -11.08 18.11 36.51
N SER C 202 -11.17 19.13 37.35
CA SER C 202 -12.44 19.84 37.48
C SER C 202 -12.72 20.77 36.30
N SER C 203 -11.70 21.18 35.55
CA SER C 203 -11.91 21.98 34.35
C SER C 203 -10.85 21.58 33.35
N PRO C 204 -11.06 21.87 32.07
CA PRO C 204 -10.07 21.48 31.06
C PRO C 204 -8.72 22.12 31.32
N VAL C 205 -7.67 21.40 30.97
CA VAL C 205 -6.32 21.92 31.11
C VAL C 205 -5.78 22.23 29.72
N THR C 206 -5.20 23.42 29.56
CA THR C 206 -4.64 23.84 28.27
C THR C 206 -3.17 24.18 28.46
N LYS C 207 -2.32 23.62 27.60
CA LYS C 207 -0.93 24.03 27.50
C LYS C 207 -0.69 24.59 26.11
N SER C 208 0.04 25.70 26.03
CA SER C 208 0.23 26.36 24.74
C SER C 208 1.63 26.95 24.65
N PHE C 209 2.02 27.29 23.42
CA PHE C 209 3.24 28.02 23.17
C PHE C 209 3.03 28.90 21.96
N ASN C 210 3.84 29.95 21.88
CA ASN C 210 3.84 30.87 20.74
C ASN C 210 5.03 30.52 19.85
N ARG C 211 4.75 30.27 18.56
CA ARG C 211 5.80 29.91 17.61
C ARG C 211 6.90 30.98 17.58
N GLY C 212 8.14 30.55 17.81
CA GLY C 212 9.28 31.44 17.83
C GLY C 212 9.59 32.06 19.17
N GLU C 213 8.72 31.93 20.17
CA GLU C 213 9.00 32.48 21.50
C GLU C 213 9.40 31.39 22.49
N GLU D 1 2.86 -27.44 17.66
CA GLU D 1 1.55 -26.86 17.96
C GLU D 1 0.92 -26.34 16.68
N VAL D 2 -0.41 -26.33 16.61
CA VAL D 2 -1.02 -25.79 15.39
C VAL D 2 -0.77 -24.29 15.31
N GLN D 3 -0.61 -23.80 14.06
CA GLN D 3 -0.28 -22.40 13.84
C GLN D 3 -0.99 -21.91 12.60
N LEU D 4 -1.31 -20.62 12.58
CA LEU D 4 -1.83 -19.94 11.41
C LEU D 4 -1.08 -18.63 11.25
N VAL D 5 -0.96 -18.14 10.02
CA VAL D 5 -0.24 -16.88 9.77
C VAL D 5 -0.93 -16.13 8.63
N GLU D 6 -1.39 -14.91 8.91
CA GLU D 6 -2.03 -14.09 7.90
C GLU D 6 -0.99 -13.30 7.13
N SER D 7 -1.27 -13.05 5.85
CA SER D 7 -0.45 -12.16 5.03
C SER D 7 -1.34 -11.20 4.26
N GLY D 8 -0.76 -10.08 3.84
CA GLY D 8 -1.44 -9.21 2.92
C GLY D 8 -1.99 -7.91 3.48
N GLY D 9 -1.84 -7.64 4.77
CA GLY D 9 -2.34 -6.37 5.28
C GLY D 9 -1.52 -5.17 4.80
N GLY D 10 -2.05 -3.97 5.08
CA GLY D 10 -1.37 -2.74 4.71
C GLY D 10 -2.33 -1.57 4.65
N LEU D 11 -1.89 -0.48 3.99
CA LEU D 11 -2.70 0.72 3.84
C LEU D 11 -3.51 0.67 2.56
N VAL D 12 -4.80 1.02 2.66
CA VAL D 12 -5.73 1.06 1.53
C VAL D 12 -6.46 2.37 1.59
N LYS D 13 -6.78 2.93 0.41
CA LYS D 13 -7.65 4.09 0.34
C LYS D 13 -9.11 3.65 0.32
N ALA D 14 -9.98 4.43 0.94
CA ALA D 14 -11.40 4.13 0.91
C ALA D 14 -11.86 3.88 -0.52
N GLY D 15 -12.70 2.85 -0.69
CA GLY D 15 -13.16 2.43 -2.00
C GLY D 15 -12.26 1.43 -2.68
N GLY D 16 -11.02 1.27 -2.20
CA GLY D 16 -10.06 0.36 -2.78
C GLY D 16 -10.28 -1.08 -2.34
N SER D 17 -9.37 -1.94 -2.81
CA SER D 17 -9.46 -3.39 -2.62
C SER D 17 -8.17 -3.88 -1.99
N LEU D 18 -8.29 -4.92 -1.15
CA LEU D 18 -7.12 -5.55 -0.57
C LEU D 18 -7.49 -7.01 -0.34
N ILE D 19 -6.57 -7.92 -0.59
CA ILE D 19 -6.82 -9.36 -0.43
C ILE D 19 -5.85 -9.91 0.61
N LEU D 20 -6.39 -10.65 1.57
CA LEU D 20 -5.62 -11.29 2.61
C LEU D 20 -5.54 -12.79 2.35
N SER D 21 -4.49 -13.41 2.87
CA SER D 21 -4.39 -14.86 2.86
C SER D 21 -3.94 -15.35 4.23
N CYS D 22 -4.16 -16.65 4.43
CA CYS D 22 -3.86 -17.33 5.70
C CYS D 22 -3.30 -18.69 5.31
N GLY D 23 -2.10 -19.03 5.81
CA GLY D 23 -1.55 -20.36 5.69
C GLY D 23 -1.42 -20.96 7.10
N VAL D 24 -1.18 -22.27 7.16
CA VAL D 24 -1.24 -22.98 8.45
C VAL D 24 -0.02 -23.90 8.61
N SER D 25 0.17 -24.37 9.84
CA SER D 25 1.21 -25.33 10.17
C SER D 25 0.62 -26.38 11.11
N ASN D 26 0.92 -27.65 10.84
CA ASN D 26 0.68 -28.77 11.74
C ASN D 26 -0.78 -29.18 11.85
N PHE D 27 -1.61 -28.82 10.88
CA PHE D 27 -2.95 -29.39 10.73
C PHE D 27 -3.40 -29.12 9.29
N ARG D 28 -4.44 -29.84 8.89
CA ARG D 28 -5.04 -29.65 7.57
C ARG D 28 -6.34 -28.88 7.76
N ILE D 29 -6.57 -27.87 6.92
CA ILE D 29 -7.77 -27.07 7.12
C ILE D 29 -9.04 -27.80 6.69
N SER D 30 -8.94 -28.86 5.87
CA SER D 30 -10.14 -29.36 5.18
C SER D 30 -11.24 -29.78 6.14
N ALA D 31 -10.91 -30.28 7.33
CA ALA D 31 -11.92 -30.70 8.29
C ALA D 31 -12.51 -29.55 9.10
N HIS D 32 -12.08 -28.30 8.89
CA HIS D 32 -12.49 -27.21 9.77
C HIS D 32 -13.25 -26.15 8.99
N THR D 33 -14.32 -25.63 9.59
CA THR D 33 -14.79 -24.31 9.18
C THR D 33 -13.71 -23.28 9.48
N MET D 34 -13.38 -22.44 8.50
CA MET D 34 -12.36 -21.43 8.70
C MET D 34 -13.00 -20.05 8.73
N ASN D 35 -12.43 -19.15 9.54
CA ASN D 35 -13.05 -17.88 9.84
C ASN D 35 -12.07 -16.73 9.68
N TRP D 36 -12.62 -15.57 9.40
CA TRP D 36 -11.92 -14.30 9.56
C TRP D 36 -12.62 -13.52 10.65
N VAL D 37 -11.82 -12.90 11.53
CA VAL D 37 -12.27 -12.09 12.65
C VAL D 37 -11.39 -10.84 12.67
N ARG D 38 -11.95 -9.70 13.10
CA ARG D 38 -11.14 -8.50 13.18
C ARG D 38 -11.29 -7.84 14.55
N ARG D 39 -10.20 -7.25 14.99
CA ARG D 39 -10.21 -6.48 16.24
C ARG D 39 -10.19 -5.03 15.85
N VAL D 40 -11.26 -4.31 16.17
CA VAL D 40 -11.41 -2.91 15.80
C VAL D 40 -10.65 -2.03 16.79
N PRO D 41 -10.37 -0.77 16.46
CA PRO D 41 -9.54 0.06 17.35
C PRO D 41 -10.08 0.19 18.77
N GLY D 42 -11.40 0.11 18.98
CA GLY D 42 -11.94 0.17 20.32
C GLY D 42 -11.63 -1.04 21.21
N GLY D 43 -11.10 -2.12 20.63
CA GLY D 43 -10.68 -3.27 21.39
C GLY D 43 -11.53 -4.52 21.21
N GLY D 44 -12.77 -4.40 20.73
CA GLY D 44 -13.61 -5.57 20.63
C GLY D 44 -13.35 -6.38 19.36
N LEU D 45 -13.74 -7.65 19.40
CA LEU D 45 -13.64 -8.54 18.24
C LEU D 45 -14.94 -8.53 17.46
N GLU D 46 -14.81 -8.63 16.13
CA GLU D 46 -15.97 -8.72 15.24
C GLU D 46 -15.75 -9.90 14.31
N TRP D 47 -16.64 -10.87 14.35
CA TRP D 47 -16.61 -11.93 13.35
C TRP D 47 -16.94 -11.34 11.97
N VAL D 48 -16.17 -11.74 10.95
CA VAL D 48 -16.23 -11.17 9.61
C VAL D 48 -16.80 -12.16 8.60
N ALA D 49 -16.22 -13.37 8.54
CA ALA D 49 -16.65 -14.30 7.51
C ALA D 49 -16.26 -15.71 7.90
N SER D 50 -16.99 -16.67 7.35
CA SER D 50 -16.64 -18.07 7.57
C SER D 50 -16.87 -18.83 6.29
N ILE D 51 -16.16 -19.95 6.14
CA ILE D 51 -16.39 -20.85 5.02
C ILE D 51 -16.40 -22.30 5.58
N SER D 52 -17.51 -23.01 5.35
CA SER D 52 -17.68 -24.35 5.90
C SER D 52 -16.81 -25.37 5.15
N THR D 53 -16.72 -26.58 5.73
CA THR D 53 -16.02 -27.66 5.02
C THR D 53 -16.71 -27.89 3.68
N SER D 54 -15.91 -28.23 2.67
CA SER D 54 -16.40 -28.45 1.31
C SER D 54 -17.04 -27.19 0.72
N SER D 55 -16.88 -26.04 1.37
CA SER D 55 -17.44 -24.78 0.88
C SER D 55 -18.94 -24.88 0.64
N THR D 56 -19.67 -25.67 1.47
CA THR D 56 -21.12 -25.72 1.33
C THR D 56 -21.76 -24.36 1.56
N TYR D 57 -21.18 -23.53 2.44
CA TYR D 57 -21.75 -22.22 2.69
C TYR D 57 -20.64 -21.24 3.06
N ARG D 58 -20.76 -20.02 2.56
CA ARG D 58 -19.88 -18.92 2.92
C ARG D 58 -20.76 -17.87 3.58
N ASP D 59 -20.41 -17.51 4.82
CA ASP D 59 -21.23 -16.65 5.66
C ASP D 59 -20.45 -15.37 5.92
N TYR D 60 -21.16 -14.24 5.94
CA TYR D 60 -20.54 -12.93 6.11
C TYR D 60 -21.30 -12.11 7.13
N ALA D 61 -20.57 -11.28 7.86
CA ALA D 61 -21.19 -10.27 8.70
C ALA D 61 -21.99 -9.29 7.85
N ASP D 62 -23.08 -8.76 8.39
CA ASP D 62 -23.91 -7.81 7.64
C ASP D 62 -23.10 -6.65 7.09
N ALA D 63 -22.12 -6.19 7.87
CA ALA D 63 -21.32 -5.01 7.54
C ALA D 63 -20.41 -5.22 6.37
N VAL D 64 -20.12 -6.48 6.00
CA VAL D 64 -19.22 -6.74 4.88
C VAL D 64 -19.87 -7.53 3.75
N LYS D 65 -21.10 -7.98 3.93
CA LYS D 65 -21.74 -8.77 2.89
C LYS D 65 -21.87 -7.97 1.60
N GLY D 66 -21.54 -8.62 0.49
CA GLY D 66 -21.53 -7.95 -0.82
C GLY D 66 -20.25 -7.25 -1.16
N ARG D 67 -19.33 -7.11 -0.23
CA ARG D 67 -18.03 -6.47 -0.42
C ARG D 67 -16.87 -7.41 -0.22
N PHE D 68 -17.01 -8.41 0.64
CA PHE D 68 -15.95 -9.36 0.97
C PHE D 68 -16.28 -10.72 0.37
N THR D 69 -15.23 -11.49 0.08
CA THR D 69 -15.37 -12.86 -0.37
C THR D 69 -14.33 -13.71 0.34
N VAL D 70 -14.75 -14.86 0.86
CA VAL D 70 -13.84 -15.82 1.45
C VAL D 70 -13.79 -17.05 0.55
N SER D 71 -12.58 -17.57 0.38
CA SER D 71 -12.32 -18.77 -0.40
C SER D 71 -11.40 -19.69 0.39
N ARG D 72 -11.47 -20.98 0.10
CA ARG D 72 -10.57 -21.92 0.77
C ARG D 72 -9.87 -22.77 -0.27
N ASP D 73 -8.63 -23.15 0.05
CA ASP D 73 -7.77 -23.96 -0.82
C ASP D 73 -7.37 -25.13 0.07
N ASP D 74 -8.13 -26.21 0.00
CA ASP D 74 -7.90 -27.34 0.91
C ASP D 74 -6.68 -28.16 0.54
N LEU D 75 -6.15 -27.98 -0.68
CA LEU D 75 -5.04 -28.83 -1.09
C LEU D 75 -3.70 -28.32 -0.63
N GLU D 76 -3.50 -27.00 -0.56
CA GLU D 76 -2.29 -26.42 0.00
C GLU D 76 -2.58 -25.63 1.26
N ASP D 77 -3.81 -25.70 1.76
CA ASP D 77 -4.14 -25.22 3.09
C ASP D 77 -3.99 -23.71 3.23
N PHE D 78 -4.74 -22.99 2.41
CA PHE D 78 -4.82 -21.54 2.50
C PHE D 78 -6.27 -21.13 2.54
N VAL D 79 -6.52 -20.02 3.23
CA VAL D 79 -7.81 -19.34 3.15
C VAL D 79 -7.56 -17.92 2.67
N TYR D 80 -8.52 -17.37 1.92
CA TYR D 80 -8.41 -16.03 1.36
C TYR D 80 -9.57 -15.17 1.82
N LEU D 81 -9.32 -13.85 1.91
CA LEU D 81 -10.38 -12.89 2.12
C LEU D 81 -10.17 -11.74 1.14
N GLN D 82 -11.02 -11.65 0.14
CA GLN D 82 -11.05 -10.46 -0.73
C GLN D 82 -11.87 -9.38 -0.05
N MET D 83 -11.33 -8.19 0.05
CA MET D 83 -12.04 -7.04 0.61
C MET D 83 -12.12 -5.95 -0.45
N HIS D 84 -13.34 -5.63 -0.86
CA HIS D 84 -13.58 -4.62 -1.87
C HIS D 84 -14.39 -3.46 -1.33
N LYS D 85 -14.39 -2.35 -2.08
CA LYS D 85 -15.14 -1.15 -1.70
C LYS D 85 -14.87 -0.82 -0.22
N MET D 86 -13.60 -0.77 0.14
CA MET D 86 -13.30 -0.74 1.57
C MET D 86 -13.67 0.59 2.21
N ARG D 87 -14.02 0.52 3.48
CA ARG D 87 -14.54 1.64 4.25
C ARG D 87 -13.61 1.90 5.43
N VAL D 88 -13.62 3.14 5.90
CA VAL D 88 -12.79 3.50 7.04
C VAL D 88 -13.02 2.53 8.19
N GLU D 89 -14.28 2.12 8.38
CA GLU D 89 -14.58 1.27 9.52
C GLU D 89 -14.13 -0.18 9.33
N ASP D 90 -13.61 -0.55 8.15
CA ASP D 90 -12.92 -1.82 8.01
C ASP D 90 -11.53 -1.82 8.64
N THR D 91 -11.03 -0.66 9.07
CA THR D 91 -9.71 -0.57 9.69
C THR D 91 -9.65 -1.44 10.93
N ALA D 92 -8.70 -2.37 10.99
CA ALA D 92 -8.66 -3.32 12.11
C ALA D 92 -7.47 -4.26 11.95
N ILE D 93 -7.21 -5.05 12.98
CA ILE D 93 -6.33 -6.20 12.86
C ILE D 93 -7.17 -7.39 12.44
N TYR D 94 -6.80 -8.05 11.34
CA TYR D 94 -7.55 -9.20 10.82
C TYR D 94 -6.87 -10.51 11.18
N TYR D 95 -7.64 -11.44 11.77
CA TYR D 95 -7.12 -12.75 12.14
C TYR D 95 -7.85 -13.83 11.36
N CYS D 96 -7.12 -14.86 11.03
CA CYS D 96 -7.77 -16.09 10.62
CA CYS D 96 -7.69 -16.13 10.59
C CYS D 96 -7.81 -17.05 11.80
N ALA D 97 -8.93 -17.75 11.93
CA ALA D 97 -9.17 -18.59 13.10
C ALA D 97 -9.91 -19.84 12.68
N ARG D 98 -9.47 -20.98 13.21
CA ARG D 98 -10.16 -22.21 12.85
C ARG D 98 -11.20 -22.52 13.90
N LYS D 99 -12.35 -23.01 13.45
CA LYS D 99 -13.34 -23.60 14.34
C LYS D 99 -12.89 -25.03 14.65
N GLY D 100 -12.71 -25.35 15.93
CA GLY D 100 -12.14 -26.65 16.29
C GLY D 100 -11.93 -26.73 17.79
N SER D 101 -11.54 -27.91 18.24
CA SER D 101 -11.33 -28.13 19.66
C SER D 101 -10.39 -29.32 19.83
N ASP D 102 -10.07 -29.64 21.09
CA ASP D 102 -9.25 -30.81 21.36
C ASP D 102 -9.84 -32.06 20.73
N ARG D 103 -11.17 -32.17 20.72
CA ARG D 103 -11.88 -33.24 20.02
C ARG D 103 -12.98 -32.60 19.19
N LEU D 104 -12.91 -32.73 17.86
CA LEU D 104 -13.88 -32.05 17.02
C LEU D 104 -15.28 -32.57 17.33
N SER D 105 -16.23 -31.64 17.50
CA SER D 105 -17.61 -31.98 17.77
C SER D 105 -18.55 -31.25 16.79
N ASP D 106 -19.85 -31.37 17.00
CA ASP D 106 -20.78 -30.71 16.09
C ASP D 106 -20.73 -29.20 16.15
N ASN D 107 -20.19 -28.61 17.23
CA ASN D 107 -20.16 -27.14 17.33
C ASN D 107 -19.01 -26.74 18.24
N ASP D 108 -17.89 -26.31 17.66
CA ASP D 108 -16.70 -26.00 18.47
C ASP D 108 -16.40 -24.51 18.49
N PRO D 109 -15.61 -24.07 19.47
CA PRO D 109 -15.15 -22.68 19.53
C PRO D 109 -14.02 -22.42 18.52
N PHE D 110 -13.38 -21.26 18.60
CA PHE D 110 -12.23 -20.96 17.73
C PHE D 110 -10.97 -21.29 18.53
N ASP D 111 -10.38 -22.48 18.34
CA ASP D 111 -9.31 -22.92 19.22
C ASP D 111 -7.92 -22.54 18.73
N ALA D 112 -7.76 -22.01 17.52
CA ALA D 112 -6.43 -21.61 17.05
C ALA D 112 -6.58 -20.38 16.17
N TRP D 113 -5.71 -19.39 16.40
CA TRP D 113 -5.77 -18.06 15.78
C TRP D 113 -4.40 -17.67 15.27
N GLY D 114 -4.34 -16.99 14.12
CA GLY D 114 -3.11 -16.35 13.69
C GLY D 114 -2.81 -15.11 14.50
N PRO D 115 -1.59 -14.59 14.34
CA PRO D 115 -1.20 -13.38 15.10
C PRO D 115 -1.87 -12.13 14.61
N GLY D 116 -2.44 -12.12 13.41
CA GLY D 116 -3.16 -10.96 12.92
C GLY D 116 -2.34 -10.15 11.91
N THR D 117 -3.04 -9.51 10.98
CA THR D 117 -2.40 -8.60 10.04
C THR D 117 -3.18 -7.27 10.09
N VAL D 118 -2.46 -6.16 10.12
CA VAL D 118 -3.05 -4.83 10.27
C VAL D 118 -3.53 -4.31 8.92
N VAL D 119 -4.78 -3.85 8.88
CA VAL D 119 -5.41 -3.27 7.70
C VAL D 119 -5.89 -1.87 8.07
N THR D 120 -5.44 -0.86 7.31
CA THR D 120 -5.75 0.53 7.62
C THR D 120 -6.36 1.16 6.39
N VAL D 121 -7.56 1.73 6.53
CA VAL D 121 -8.27 2.34 5.41
C VAL D 121 -8.29 3.85 5.61
N SER D 122 -7.68 4.59 4.66
CA SER D 122 -7.67 6.04 4.81
C SER D 122 -8.95 6.65 4.24
N PRO D 123 -9.41 7.78 4.80
CA PRO D 123 -10.76 8.26 4.47
C PRO D 123 -10.92 8.81 3.06
N ALA D 124 -9.87 9.37 2.46
CA ALA D 124 -10.02 10.01 1.16
C ALA D 124 -9.98 8.95 0.06
N SER D 125 -11.06 8.85 -0.72
CA SER D 125 -11.06 7.98 -1.88
C SER D 125 -10.59 8.68 -3.14
N THR D 126 -10.50 10.01 -3.13
CA THR D 126 -10.01 10.77 -4.28
C THR D 126 -9.24 11.98 -3.78
N LYS D 127 -8.50 12.59 -4.67
CA LYS D 127 -7.76 13.81 -4.33
C LYS D 127 -7.51 14.56 -5.63
N GLY D 128 -7.89 15.84 -5.65
CA GLY D 128 -7.68 16.69 -6.80
C GLY D 128 -6.24 17.11 -6.93
N PRO D 129 -5.83 17.43 -8.16
CA PRO D 129 -4.43 17.80 -8.39
C PRO D 129 -4.13 19.23 -7.98
N SER D 130 -2.87 19.45 -7.62
CA SER D 130 -2.26 20.78 -7.70
C SER D 130 -1.74 21.00 -9.11
N VAL D 131 -1.94 22.20 -9.64
CA VAL D 131 -1.53 22.55 -11.00
C VAL D 131 -0.53 23.71 -10.93
N PHE D 132 0.68 23.47 -11.42
CA PHE D 132 1.74 24.46 -11.39
C PHE D 132 2.19 24.80 -12.80
N PRO D 133 2.62 26.04 -13.03
CA PRO D 133 3.00 26.45 -14.39
C PRO D 133 4.39 25.98 -14.75
N LEU D 134 4.54 25.56 -16.01
CA LEU D 134 5.85 25.32 -16.62
C LEU D 134 6.14 26.54 -17.50
N ALA D 135 6.89 27.51 -16.94
CA ALA D 135 7.00 28.84 -17.55
C ALA D 135 7.99 28.84 -18.71
N PRO D 136 7.62 29.44 -19.86
CA PRO D 136 8.52 29.54 -20.99
C PRO D 136 9.70 30.40 -20.54
N SER D 137 10.92 29.89 -20.71
CA SER D 137 12.14 30.61 -20.30
C SER D 137 12.18 32.01 -20.92
N GLY D 144 12.20 32.31 -32.60
CA GLY D 144 12.23 30.86 -32.70
C GLY D 144 10.99 30.27 -32.06
N THR D 145 11.13 29.09 -31.48
CA THR D 145 10.02 28.41 -30.83
C THR D 145 10.28 28.27 -29.34
N ALA D 146 9.25 28.50 -28.53
CA ALA D 146 9.33 28.35 -27.08
C ALA D 146 8.37 27.26 -26.62
N ALA D 147 8.70 26.66 -25.47
CA ALA D 147 7.89 25.62 -24.86
C ALA D 147 7.37 26.07 -23.50
N LEU D 148 6.08 25.83 -23.24
CA LEU D 148 5.48 26.06 -21.93
C LEU D 148 4.52 24.92 -21.59
N GLY D 149 4.08 24.87 -20.33
CA GLY D 149 3.12 23.85 -19.97
C GLY D 149 2.62 23.99 -18.56
N CYS D 150 1.91 22.95 -18.13
CA CYS D 150 1.36 22.83 -16.77
C CYS D 150 1.81 21.51 -16.17
N LEU D 151 2.16 21.54 -14.89
CA LEU D 151 2.46 20.34 -14.12
C LEU D 151 1.24 20.04 -13.24
N VAL D 152 0.64 18.86 -13.41
CA VAL D 152 -0.56 18.44 -12.70
C VAL D 152 -0.11 17.38 -11.69
N LYS D 153 0.03 17.78 -10.42
CA LYS D 153 0.74 16.95 -9.46
C LYS D 153 -0.17 16.49 -8.32
N ASP D 154 0.07 15.25 -7.86
CA ASP D 154 -0.49 14.68 -6.64
C ASP D 154 -2.01 14.53 -6.71
N TYR D 155 -2.49 13.64 -7.57
CA TYR D 155 -3.92 13.38 -7.68
C TYR D 155 -4.16 11.88 -7.67
N PHE D 156 -5.41 11.52 -7.44
CA PHE D 156 -5.78 10.12 -7.30
C PHE D 156 -7.30 10.00 -7.36
N PRO D 157 -7.85 9.02 -8.09
CA PRO D 157 -7.15 8.11 -8.98
C PRO D 157 -7.09 8.72 -10.38
N GLU D 158 -6.57 7.98 -11.35
CA GLU D 158 -6.65 8.45 -12.73
C GLU D 158 -8.10 8.44 -13.20
N PRO D 159 -8.41 9.18 -14.28
CA PRO D 159 -7.46 10.02 -15.01
C PRO D 159 -7.69 11.52 -14.82
N VAL D 160 -6.77 12.31 -15.34
CA VAL D 160 -6.95 13.75 -15.51
C VAL D 160 -6.95 14.03 -17.02
N THR D 161 -7.78 14.98 -17.44
CA THR D 161 -7.77 15.49 -18.81
C THR D 161 -7.28 16.94 -18.81
N VAL D 162 -6.55 17.31 -19.85
CA VAL D 162 -6.02 18.67 -19.97
C VAL D 162 -6.35 19.18 -21.36
N SER D 163 -6.81 20.42 -21.43
CA SER D 163 -6.91 21.13 -22.70
C SER D 163 -6.18 22.45 -22.55
N TRP D 164 -6.00 23.15 -23.67
CA TRP D 164 -5.34 24.44 -23.66
C TRP D 164 -6.26 25.46 -24.32
N ASN D 165 -6.41 26.61 -23.66
CA ASN D 165 -7.29 27.68 -24.13
C ASN D 165 -8.66 27.11 -24.51
N SER D 166 -9.21 26.30 -23.61
CA SER D 166 -10.55 25.73 -23.75
C SER D 166 -10.71 24.93 -25.05
N GLY D 167 -9.60 24.35 -25.53
CA GLY D 167 -9.64 23.53 -26.72
C GLY D 167 -9.30 24.22 -28.02
N ALA D 168 -9.05 25.54 -27.98
CA ALA D 168 -8.70 26.27 -29.19
C ALA D 168 -7.25 26.04 -29.58
N LEU D 169 -6.39 25.72 -28.63
CA LEU D 169 -4.97 25.47 -28.91
C LEU D 169 -4.75 23.96 -28.83
N THR D 170 -4.60 23.32 -29.99
CA THR D 170 -4.33 21.89 -30.02
C THR D 170 -3.01 21.56 -30.68
N SER D 171 -2.64 22.28 -31.73
CA SER D 171 -1.38 22.04 -32.42
C SER D 171 -0.21 22.20 -31.47
N GLY D 172 0.72 21.25 -31.52
CA GLY D 172 1.91 21.31 -30.70
C GLY D 172 1.74 20.87 -29.27
N VAL D 173 0.58 20.33 -28.88
CA VAL D 173 0.34 19.95 -27.50
C VAL D 173 0.73 18.49 -27.27
N HIS D 174 1.47 18.23 -26.19
CA HIS D 174 1.77 16.88 -25.71
C HIS D 174 1.36 16.81 -24.24
N THR D 175 0.37 15.99 -23.94
CA THR D 175 0.00 15.65 -22.57
C THR D 175 0.54 14.24 -22.32
N PHE D 176 1.42 14.11 -21.34
CA PHE D 176 2.18 12.88 -21.14
C PHE D 176 1.40 11.88 -20.30
N PRO D 177 1.72 10.60 -20.43
CA PRO D 177 1.16 9.62 -19.48
C PRO D 177 1.52 9.99 -18.05
N ALA D 178 0.60 9.73 -17.14
CA ALA D 178 0.87 9.95 -15.73
C ALA D 178 1.94 8.98 -15.27
N VAL D 179 2.67 9.39 -14.23
CA VAL D 179 3.57 8.51 -13.51
C VAL D 179 3.02 8.32 -12.10
N LEU D 180 3.19 7.12 -11.58
CA LEU D 180 2.83 6.80 -10.20
C LEU D 180 3.99 7.18 -9.32
N GLN D 181 3.80 8.16 -8.46
CA GLN D 181 4.88 8.58 -7.59
C GLN D 181 5.04 7.60 -6.42
N SER D 182 6.22 7.63 -5.80
CA SER D 182 6.49 6.77 -4.66
C SER D 182 5.53 7.02 -3.51
N SER D 183 4.81 8.14 -3.54
CA SER D 183 3.79 8.47 -2.56
C SER D 183 2.46 7.80 -2.82
N GLY D 184 2.30 7.11 -3.95
CA GLY D 184 1.01 6.59 -4.33
C GLY D 184 0.07 7.56 -4.99
N LEU D 185 0.52 8.81 -5.25
CA LEU D 185 -0.28 9.79 -5.96
C LEU D 185 0.29 9.94 -7.37
N TYR D 186 -0.58 10.27 -8.32
CA TYR D 186 -0.19 10.40 -9.72
C TYR D 186 0.24 11.85 -10.07
N SER D 187 1.02 11.95 -11.13
CA SER D 187 1.53 13.26 -11.61
C SER D 187 1.77 13.20 -13.12
N LEU D 188 1.29 14.21 -13.86
CA LEU D 188 1.53 14.27 -15.32
C LEU D 188 1.80 15.71 -15.73
N SER D 189 2.49 15.88 -16.85
CA SER D 189 2.76 17.24 -17.39
C SER D 189 2.18 17.33 -18.79
N SER D 190 1.64 18.50 -19.12
CA SER D 190 1.11 18.81 -20.45
C SER D 190 1.87 20.00 -20.97
N VAL D 191 2.46 19.89 -22.17
CA VAL D 191 3.28 20.97 -22.71
C VAL D 191 2.77 21.32 -24.10
N VAL D 192 3.22 22.48 -24.56
CA VAL D 192 2.92 22.95 -25.91
C VAL D 192 4.08 23.82 -26.35
N THR D 193 4.44 23.71 -27.64
CA THR D 193 5.43 24.60 -28.22
C THR D 193 4.71 25.65 -29.06
N VAL D 194 5.16 26.89 -28.95
CA VAL D 194 4.51 28.00 -29.65
C VAL D 194 5.57 28.97 -30.13
N PRO D 195 5.20 29.87 -31.06
CA PRO D 195 6.13 30.90 -31.52
C PRO D 195 6.56 31.80 -30.37
N SER D 196 7.86 32.05 -30.28
CA SER D 196 8.37 32.95 -29.24
C SER D 196 7.74 34.33 -29.34
N SER D 197 7.36 34.75 -30.55
CA SER D 197 6.81 36.09 -30.73
C SER D 197 5.45 36.26 -30.06
N SER D 198 4.72 35.19 -29.82
CA SER D 198 3.40 35.25 -29.21
C SER D 198 3.43 35.31 -27.69
N LEU D 199 4.61 35.21 -27.08
CA LEU D 199 4.69 35.17 -25.61
C LEU D 199 4.24 36.47 -24.96
N GLY D 200 4.26 37.60 -25.66
CA GLY D 200 3.85 38.85 -25.04
C GLY D 200 2.36 39.10 -25.12
N THR D 201 1.73 38.70 -26.23
CA THR D 201 0.32 38.98 -26.49
C THR D 201 -0.61 37.81 -26.17
N GLN D 202 -0.29 36.61 -26.67
CA GLN D 202 -1.19 35.48 -26.53
C GLN D 202 -1.21 34.96 -25.10
N THR D 203 -2.42 34.74 -24.58
CA THR D 203 -2.61 34.14 -23.27
C THR D 203 -2.76 32.63 -23.41
N TYR D 204 -2.10 31.89 -22.53
CA TYR D 204 -2.11 30.43 -22.58
C TYR D 204 -2.66 29.89 -21.26
N ILE D 205 -3.78 29.18 -21.35
CA ILE D 205 -4.47 28.63 -20.19
C ILE D 205 -4.64 27.13 -20.40
N CYS D 206 -4.16 26.34 -19.45
CA CYS D 206 -4.37 24.90 -19.46
C CYS D 206 -5.58 24.57 -18.58
N ASN D 207 -6.52 23.82 -19.13
CA ASN D 207 -7.74 23.45 -18.43
C ASN D 207 -7.60 22.01 -17.92
N VAL D 208 -7.38 21.87 -16.62
CA VAL D 208 -7.20 20.57 -15.97
C VAL D 208 -8.53 20.16 -15.36
N ASN D 209 -9.02 18.99 -15.72
CA ASN D 209 -10.27 18.44 -15.21
C ASN D 209 -9.99 17.10 -14.55
N HIS D 210 -10.47 16.93 -13.32
CA HIS D 210 -10.32 15.68 -12.58
C HIS D 210 -11.71 15.22 -12.17
N LYS D 211 -12.34 14.42 -13.04
CA LYS D 211 -13.72 14.02 -12.80
C LYS D 211 -13.92 13.24 -11.49
N PRO D 212 -13.04 12.30 -11.10
CA PRO D 212 -13.26 11.57 -9.84
C PRO D 212 -13.47 12.47 -8.63
N SER D 213 -12.69 13.53 -8.48
CA SER D 213 -12.84 14.46 -7.36
C SER D 213 -13.64 15.70 -7.74
N ASN D 214 -14.23 15.72 -8.94
CA ASN D 214 -15.00 16.86 -9.42
C ASN D 214 -14.22 18.17 -9.24
N THR D 215 -12.95 18.14 -9.62
CA THR D 215 -12.07 19.30 -9.53
C THR D 215 -11.78 19.81 -10.93
N LYS D 216 -11.91 21.12 -11.12
CA LYS D 216 -11.50 21.80 -12.34
C LYS D 216 -10.59 22.96 -11.98
N VAL D 217 -9.50 23.10 -12.72
CA VAL D 217 -8.52 24.15 -12.50
C VAL D 217 -8.17 24.75 -13.85
N ASP D 218 -8.19 26.09 -13.93
CA ASP D 218 -7.72 26.83 -15.09
C ASP D 218 -6.51 27.64 -14.64
N LYS D 219 -5.34 27.32 -15.20
CA LYS D 219 -4.09 27.99 -14.84
C LYS D 219 -3.55 28.74 -16.05
N LYS D 220 -3.24 30.02 -15.86
CA LYS D 220 -2.61 30.84 -16.89
C LYS D 220 -1.10 30.72 -16.78
N VAL D 221 -0.45 30.41 -17.89
CA VAL D 221 0.99 30.22 -17.94
C VAL D 221 1.58 31.41 -18.67
N GLU D 222 2.49 32.11 -18.01
CA GLU D 222 3.10 33.31 -18.54
C GLU D 222 4.58 33.35 -18.17
N PRO D 223 5.37 34.16 -18.87
CA PRO D 223 6.79 34.29 -18.53
C PRO D 223 7.01 34.77 -17.10
N LYS D 224 8.15 34.41 -16.53
CA LYS D 224 8.46 34.79 -15.14
C LYS D 224 8.75 36.29 -15.04
#